data_7KBI
#
_entry.id   7KBI
#
_cell.length_a   161.418
_cell.length_b   161.418
_cell.length_c   67.031
_cell.angle_alpha   90.000
_cell.angle_beta   90.000
_cell.angle_gamma   120.000
#
_symmetry.space_group_name_H-M   'P 63'
#
loop_
_entity.id
_entity.type
_entity.pdbx_description
1 polymer 'Ricin chain A'
2 polymer 'Ricin chain B'
3 polymer 'VHH antibody V5E1'
4 branched 2-acetamido-2-deoxy-beta-D-glucopyranose-(1-4)-2-acetamido-2-deoxy-beta-D-glucopyranose
5 branched beta-D-mannopyranose-(1-4)-2-acetamido-2-deoxy-beta-D-glucopyranose-(1-4)-2-acetamido-2-deoxy-beta-D-glucopyranose
6 non-polymer 'CHLORIDE ION'
7 water water
#
loop_
_entity_poly.entity_id
_entity_poly.type
_entity_poly.pdbx_seq_one_letter_code
_entity_poly.pdbx_strand_id
1 'polypeptide(L)'
;IFPKQYPIINFTTAGATVQSYTNFIRAVRGRLTTGADVRHEIPVLPNRVGLPINQRFILVELSNHAELSVTLALDVTNAY
VVGYRAGNSAYFFHPDNQEDAEAITHLFTDVQNRYTFAFGGNYDRLEQLAGNLRENIELGNGPLEEAISALYYYSTGGTQ
LPTLARSFIICIQMISEAARFQYIEGEMRTRIRYNRRSAPDPSVITLENSWGRLSTAIQESNQGAFASPIQLQRRNGSKF
SVYDVSILIPIIALMVYRCAPPPSSQF
;
A
2 'polypeptide(L)'
;ADVCMDPEPIVRIVGRNGLCVDVRDGRFHNGNAIQLWPCKSNTDANQLWTLKRDNTIRSNGKCLTTYGYSPGVYVMIYDC
NTAATDATRWQIWDNGTIINPRSSLVLAATSGNSGTTLTVQTNIYAVSQGWLPTNNTQPFVTTIVGLYGLCLQANSGQVW
IEDCSSEKAEQQWALYADGSIRPQQNRDNCLTSDSNIRETVVKILSCGPASSGQRWMFKNDGTILNLYSGLVLDVRASDP
SLKQIILYPLHGDPNQIWLPLF
;
B
3 'polypeptide(L)'
;QVQLAETGGGLVEPGGSLRLSCAAPEFRLQYYTAGWFRQAPGKEREWVACISAGGGVTYYTGSVQGRFTISRDNAKRTVY
LQMDSLKPEDTAVYSCAADLEYSQIMPSCRGSYGVRGQGTQVTVSSAHHSEDPS
;
C
#
loop_
_chem_comp.id
_chem_comp.type
_chem_comp.name
_chem_comp.formula
BMA D-saccharide, beta linking beta-D-mannopyranose 'C6 H12 O6'
CL non-polymer 'CHLORIDE ION' 'Cl -1'
NAG D-saccharide, beta linking 2-acetamido-2-deoxy-beta-D-glucopyranose 'C8 H15 N O6'
#
# COMPACT_ATOMS: atom_id res chain seq x y z
N GLN A 5 29.85 7.69 6.72
CA GLN A 5 30.48 6.44 7.12
C GLN A 5 29.41 5.47 7.64
N TYR A 6 28.18 5.95 7.68
CA TYR A 6 27.02 5.13 8.01
C TYR A 6 26.61 4.34 6.76
N PRO A 7 25.61 3.46 6.87
CA PRO A 7 25.10 2.80 5.66
C PRO A 7 24.70 3.80 4.59
N ILE A 8 25.01 3.47 3.34
CA ILE A 8 24.76 4.33 2.19
C ILE A 8 23.81 3.60 1.25
N ILE A 9 22.67 4.24 0.96
CA ILE A 9 21.68 3.72 0.01
C ILE A 9 21.55 4.74 -1.11
N ASN A 10 21.74 4.29 -2.35
CA ASN A 10 21.81 5.17 -3.50
C ASN A 10 20.62 4.96 -4.43
N PHE A 11 20.12 6.05 -5.00
CA PHE A 11 19.00 6.03 -5.93
C PHE A 11 19.17 7.18 -6.92
N THR A 12 18.87 6.91 -8.19
CA THR A 12 18.98 7.90 -9.25
C THR A 12 17.62 8.11 -9.91
N THR A 13 17.42 9.32 -10.43
CA THR A 13 16.20 9.63 -11.16
C THR A 13 16.37 9.48 -12.66
N ALA A 14 17.61 9.40 -13.14
CA ALA A 14 17.86 9.16 -14.56
C ALA A 14 17.40 7.74 -14.90
N GLY A 15 16.31 7.63 -15.65
CA GLY A 15 15.77 6.32 -15.95
C GLY A 15 15.13 5.63 -14.78
N ALA A 16 14.68 6.39 -13.77
CA ALA A 16 14.06 5.80 -12.60
C ALA A 16 12.78 5.07 -13.00
N THR A 17 12.63 3.85 -12.51
CA THR A 17 11.47 3.02 -12.79
C THR A 17 10.80 2.59 -11.50
N VAL A 18 9.59 2.05 -11.65
CA VAL A 18 8.79 1.63 -10.50
C VAL A 18 9.52 0.59 -9.67
N GLN A 19 10.25 -0.32 -10.32
CA GLN A 19 11.00 -1.34 -9.57
C GLN A 19 12.22 -0.75 -8.89
N SER A 20 12.98 0.10 -9.60
CA SER A 20 14.16 0.71 -8.99
C SER A 20 13.78 1.56 -7.78
N TYR A 21 12.57 2.13 -7.78
CA TYR A 21 12.10 2.88 -6.64
C TYR A 21 11.54 1.97 -5.55
N THR A 22 10.83 0.91 -5.96
CA THR A 22 10.36 -0.07 -4.99
C THR A 22 11.52 -0.74 -4.28
N ASN A 23 12.56 -1.12 -5.03
CA ASN A 23 13.76 -1.67 -4.42
C ASN A 23 14.48 -0.64 -3.58
N PHE A 24 14.36 0.65 -3.94
CA PHE A 24 15.02 1.70 -3.16
C PHE A 24 14.36 1.88 -1.80
N ILE A 25 13.04 2.06 -1.79
CA ILE A 25 12.32 2.24 -0.52
C ILE A 25 12.46 1.00 0.35
N ARG A 26 12.42 -0.18 -0.27
CA ARG A 26 12.60 -1.42 0.49
C ARG A 26 14.01 -1.50 1.07
N ALA A 27 15.02 -1.08 0.31
CA ALA A 27 16.38 -1.06 0.83
C ALA A 27 16.55 -0.04 1.95
N VAL A 28 15.79 1.06 1.90
CA VAL A 28 15.84 2.03 2.98
C VAL A 28 15.20 1.46 4.24
N ARG A 29 14.05 0.80 4.08
CA ARG A 29 13.40 0.16 5.22
C ARG A 29 14.30 -0.91 5.85
N GLY A 30 15.13 -1.56 5.05
CA GLY A 30 15.98 -2.62 5.58
C GLY A 30 17.07 -2.08 6.50
N ARG A 31 17.61 -0.91 6.19
CA ARG A 31 18.66 -0.32 6.99
C ARG A 31 18.14 0.56 8.12
N LEU A 32 16.82 0.76 8.19
CA LEU A 32 16.27 1.59 9.26
C LEU A 32 16.03 0.77 10.52
N THR A 33 15.38 -0.39 10.39
CA THR A 33 15.09 -1.24 11.52
C THR A 33 16.01 -2.46 11.52
N THR A 34 16.16 -3.05 12.71
CA THR A 34 16.67 -4.40 12.80
C THR A 34 15.68 -5.40 12.24
N GLY A 35 14.40 -5.03 12.20
CA GLY A 35 13.32 -5.92 11.81
C GLY A 35 12.77 -6.78 12.93
N ALA A 36 13.44 -6.83 14.08
CA ALA A 36 13.03 -7.73 15.14
C ALA A 36 11.77 -7.23 15.84
N ASP A 37 11.78 -5.98 16.30
CA ASP A 37 10.65 -5.44 17.06
C ASP A 37 9.48 -5.20 16.12
N VAL A 38 8.49 -6.09 16.17
CA VAL A 38 7.29 -6.00 15.35
C VAL A 38 6.08 -6.13 16.25
N ARG A 39 5.16 -5.17 16.16
CA ARG A 39 3.96 -5.15 16.98
C ARG A 39 2.74 -5.06 16.08
N HIS A 40 1.82 -6.02 16.23
CA HIS A 40 0.65 -6.13 15.38
C HIS A 40 1.04 -6.15 13.90
N GLU A 41 2.07 -6.94 13.60
CA GLU A 41 2.59 -7.18 12.26
C GLU A 41 3.17 -5.92 11.61
N ILE A 42 3.25 -4.81 12.33
CA ILE A 42 3.87 -3.58 11.85
C ILE A 42 5.22 -3.43 12.55
N PRO A 43 6.32 -3.27 11.81
CA PRO A 43 7.64 -3.17 12.46
C PRO A 43 7.76 -1.90 13.31
N VAL A 44 8.81 -1.88 14.12
CA VAL A 44 9.06 -0.77 15.04
C VAL A 44 10.51 -0.33 14.86
N LEU A 45 10.72 0.98 14.76
CA LEU A 45 12.07 1.51 14.63
C LEU A 45 12.82 1.40 15.95
N PRO A 46 14.15 1.36 15.91
CA PRO A 46 14.93 1.23 17.16
C PRO A 46 14.68 2.39 18.12
N ASN A 47 14.93 2.12 19.40
CA ASN A 47 14.71 3.10 20.45
C ASN A 47 15.88 4.06 20.54
N ARG A 48 15.59 5.36 20.56
CA ARG A 48 16.65 6.37 20.62
C ARG A 48 17.34 6.41 21.98
N VAL A 49 16.70 5.88 23.02
CA VAL A 49 17.18 6.02 24.40
C VAL A 49 18.59 5.43 24.54
N GLY A 50 18.70 4.11 24.41
CA GLY A 50 19.99 3.47 24.51
C GLY A 50 20.53 3.00 23.19
N LEU A 51 20.64 3.92 22.22
CA LEU A 51 21.07 3.58 20.88
C LEU A 51 22.48 4.09 20.64
N PRO A 52 23.43 3.22 20.28
CA PRO A 52 24.78 3.70 19.96
C PRO A 52 24.76 4.68 18.80
N ILE A 53 25.74 5.60 18.82
CA ILE A 53 25.70 6.71 17.88
C ILE A 53 26.05 6.26 16.46
N ASN A 54 26.86 5.21 16.32
CA ASN A 54 27.13 4.68 14.99
C ASN A 54 25.96 3.87 14.43
N GLN A 55 24.90 3.67 15.21
CA GLN A 55 23.68 3.05 14.74
C GLN A 55 22.52 4.04 14.67
N ARG A 56 22.80 5.34 14.71
CA ARG A 56 21.76 6.35 14.80
C ARG A 56 21.29 6.86 13.43
N PHE A 57 22.17 6.92 12.44
CA PHE A 57 21.82 7.51 11.15
C PHE A 57 22.15 6.56 10.02
N ILE A 58 21.44 6.73 8.90
CA ILE A 58 21.76 6.10 7.63
C ILE A 58 21.76 7.18 6.56
N LEU A 59 22.55 6.95 5.51
CA LEU A 59 22.74 7.93 4.46
C LEU A 59 22.04 7.48 3.18
N VAL A 60 21.62 8.46 2.38
CA VAL A 60 20.91 8.21 1.13
C VAL A 60 21.53 9.11 0.06
N GLU A 61 22.27 8.52 -0.87
CA GLU A 61 22.92 9.26 -1.95
C GLU A 61 21.95 9.39 -3.12
N LEU A 62 21.62 10.63 -3.47
CA LEU A 62 20.67 10.92 -4.55
C LEU A 62 21.39 11.63 -5.69
N SER A 63 21.29 11.06 -6.89
CA SER A 63 21.80 11.67 -8.11
C SER A 63 20.68 11.69 -9.15
N ASN A 64 20.89 12.46 -10.21
CA ASN A 64 19.87 12.65 -11.24
C ASN A 64 20.53 12.59 -12.61
N HIS A 65 19.77 12.98 -13.65
CA HIS A 65 20.31 12.99 -15.00
C HIS A 65 21.51 13.93 -15.09
N ALA A 66 21.36 15.15 -14.60
CA ALA A 66 22.50 16.04 -14.48
C ALA A 66 23.55 15.42 -13.58
N GLU A 67 24.78 15.91 -13.71
CA GLU A 67 25.90 15.34 -12.95
C GLU A 67 25.74 15.53 -11.44
N LEU A 68 24.74 16.28 -11.00
CA LEU A 68 24.63 16.65 -9.60
C LEU A 68 24.21 15.45 -8.74
N SER A 69 24.94 15.21 -7.66
CA SER A 69 24.65 14.15 -6.71
C SER A 69 24.64 14.72 -5.30
N VAL A 70 23.62 14.34 -4.54
CA VAL A 70 23.39 14.87 -3.20
C VAL A 70 23.10 13.71 -2.25
N THR A 71 23.58 13.81 -1.02
CA THR A 71 23.43 12.75 -0.02
C THR A 71 22.69 13.29 1.19
N LEU A 72 21.61 12.60 1.56
CA LEU A 72 20.82 12.93 2.74
C LEU A 72 21.18 12.03 3.91
N ALA A 73 20.92 12.53 5.11
CA ALA A 73 21.08 11.76 6.34
C ALA A 73 19.71 11.61 7.01
N LEU A 74 19.40 10.40 7.44
CA LEU A 74 18.12 10.07 8.04
C LEU A 74 18.29 9.60 9.47
N ASP A 75 17.39 10.03 10.34
CA ASP A 75 17.38 9.58 11.73
C ASP A 75 16.69 8.22 11.78
N VAL A 76 17.45 7.18 12.13
CA VAL A 76 16.92 5.82 12.20
C VAL A 76 15.70 5.75 13.11
N THR A 77 15.68 6.57 14.16
CA THR A 77 14.60 6.51 15.14
C THR A 77 13.25 6.90 14.55
N ASN A 78 13.23 7.70 13.47
CA ASN A 78 11.95 8.08 12.89
C ASN A 78 12.00 8.26 11.37
N ALA A 79 13.06 7.81 10.70
CA ALA A 79 13.21 7.84 9.25
C ALA A 79 13.17 9.25 8.67
N TYR A 80 13.14 10.29 9.50
CA TYR A 80 13.05 11.64 8.99
C TYR A 80 14.42 12.18 8.63
N VAL A 81 14.45 13.14 7.70
CA VAL A 81 15.70 13.73 7.24
C VAL A 81 16.18 14.75 8.27
N VAL A 82 17.45 14.66 8.65
CA VAL A 82 18.05 15.58 9.60
C VAL A 82 19.04 16.53 8.95
N GLY A 83 19.46 16.28 7.72
CA GLY A 83 20.41 17.14 7.05
C GLY A 83 20.82 16.53 5.73
N TYR A 84 21.81 17.18 5.10
CA TYR A 84 22.31 16.68 3.82
C TYR A 84 23.68 17.27 3.53
N ARG A 85 24.40 16.59 2.65
CA ARG A 85 25.74 16.97 2.23
C ARG A 85 25.76 17.14 0.71
N ALA A 86 26.49 18.15 0.24
CA ALA A 86 26.60 18.42 -1.19
C ALA A 86 28.01 18.90 -1.47
N GLY A 87 28.82 18.05 -2.10
CA GLY A 87 30.19 18.39 -2.40
C GLY A 87 31.04 18.49 -1.14
N ASN A 88 31.39 19.71 -0.75
CA ASN A 88 32.22 19.97 0.43
C ASN A 88 31.46 20.72 1.51
N SER A 89 30.13 20.71 1.47
CA SER A 89 29.31 21.43 2.43
C SER A 89 28.24 20.50 2.99
N ALA A 90 27.94 20.67 4.28
CA ALA A 90 26.92 19.90 4.96
C ALA A 90 25.99 20.86 5.69
N TYR A 91 24.68 20.67 5.52
CA TYR A 91 23.66 21.51 6.12
C TYR A 91 22.73 20.65 6.95
N PHE A 92 22.43 21.09 8.18
CA PHE A 92 21.64 20.32 9.12
C PHE A 92 20.43 21.12 9.58
N PHE A 93 19.32 20.42 9.80
CA PHE A 93 18.15 21.05 10.40
C PHE A 93 18.44 21.45 11.84
N HIS A 94 17.83 22.55 12.27
CA HIS A 94 17.95 23.02 13.64
C HIS A 94 17.40 21.96 14.59
N PRO A 95 18.23 21.34 15.42
CA PRO A 95 17.73 20.28 16.30
C PRO A 95 16.79 20.83 17.36
N ASP A 96 16.05 19.92 17.98
CA ASP A 96 15.02 20.28 18.95
C ASP A 96 15.40 19.99 20.38
N ASN A 97 16.61 19.47 20.63
CA ASN A 97 17.08 19.27 22.00
C ASN A 97 18.60 19.24 21.98
N GLN A 98 19.19 19.32 23.17
CA GLN A 98 20.63 19.36 23.30
C GLN A 98 21.27 18.08 22.79
N GLU A 99 20.61 16.93 23.00
CA GLU A 99 21.19 15.66 22.61
C GLU A 99 21.24 15.51 21.09
N ASP A 100 20.16 15.88 20.41
CA ASP A 100 20.15 15.80 18.95
C ASP A 100 21.27 16.62 18.32
N ALA A 101 21.63 17.75 18.93
CA ALA A 101 22.71 18.56 18.41
C ALA A 101 24.04 17.82 18.42
N GLU A 102 24.34 17.14 19.53
CA GLU A 102 25.60 16.41 19.63
C GLU A 102 25.66 15.25 18.64
N ALA A 103 24.53 14.58 18.42
CA ALA A 103 24.50 13.46 17.47
C ALA A 103 24.77 13.92 16.06
N ILE A 104 24.51 15.20 15.75
CA ILE A 104 24.76 15.71 14.41
C ILE A 104 26.26 15.87 14.15
N THR A 105 27.05 16.03 15.21
CA THR A 105 28.50 16.19 15.07
C THR A 105 29.15 15.01 14.36
N HIS A 106 28.49 13.86 14.30
CA HIS A 106 29.11 12.61 13.87
C HIS A 106 28.65 12.19 12.47
N LEU A 107 28.08 13.09 11.69
CA LEU A 107 27.51 12.72 10.39
C LEU A 107 28.50 12.90 9.26
N PHE A 108 28.84 14.14 8.93
CA PHE A 108 29.73 14.46 7.81
C PHE A 108 30.98 15.13 8.37
N THR A 109 31.91 14.32 8.85
CA THR A 109 33.11 14.86 9.47
C THR A 109 34.06 15.45 8.44
N ASP A 110 34.19 14.79 7.28
CA ASP A 110 35.17 15.19 6.27
C ASP A 110 34.57 16.18 5.27
N VAL A 111 34.19 17.35 5.79
CA VAL A 111 33.63 18.41 4.97
C VAL A 111 34.51 19.65 5.10
N GLN A 112 34.42 20.52 4.08
CA GLN A 112 35.12 21.79 4.13
C GLN A 112 34.66 22.61 5.34
N ASN A 113 33.36 22.87 5.43
CA ASN A 113 32.76 23.45 6.62
C ASN A 113 31.28 23.14 6.61
N ARG A 114 30.71 22.99 7.80
CA ARG A 114 29.33 22.59 7.97
C ARG A 114 28.50 23.74 8.54
N TYR A 115 27.25 23.82 8.10
CA TYR A 115 26.31 24.84 8.54
C TYR A 115 25.08 24.19 9.14
N THR A 116 24.47 24.88 10.11
CA THR A 116 23.25 24.42 10.74
C THR A 116 22.17 25.47 10.55
N PHE A 117 21.01 25.04 10.05
CA PHE A 117 19.91 25.95 9.79
C PHE A 117 19.34 26.50 11.09
N ALA A 118 18.55 27.57 10.96
CA ALA A 118 17.83 28.13 12.09
C ALA A 118 16.48 27.46 12.31
N PHE A 119 16.00 26.67 11.36
CA PHE A 119 14.67 26.09 11.39
C PHE A 119 14.74 24.57 11.48
N GLY A 120 13.71 23.99 12.07
CA GLY A 120 13.57 22.54 12.13
C GLY A 120 13.14 21.96 10.80
N GLY A 121 12.71 20.70 10.86
CA GLY A 121 12.38 19.97 9.65
C GLY A 121 10.92 19.63 9.47
N ASN A 122 10.08 19.99 10.44
CA ASN A 122 8.66 19.66 10.33
C ASN A 122 8.00 20.50 9.24
N TYR A 123 6.83 20.05 8.78
CA TYR A 123 6.22 20.59 7.56
C TYR A 123 5.77 22.03 7.76
N ASP A 124 5.24 22.36 8.95
CA ASP A 124 4.79 23.72 9.19
C ASP A 124 5.92 24.74 9.07
N ARG A 125 7.17 24.30 9.21
CA ARG A 125 8.31 25.18 8.96
C ARG A 125 8.62 25.26 7.47
N LEU A 126 8.74 24.11 6.81
CA LEU A 126 9.16 24.09 5.42
C LEU A 126 8.11 24.69 4.50
N GLU A 127 6.83 24.57 4.84
CA GLU A 127 5.78 25.17 4.02
C GLU A 127 5.84 26.70 4.10
N GLN A 128 6.13 27.24 5.28
CA GLN A 128 6.23 28.69 5.43
C GLN A 128 7.42 29.25 4.65
N LEU A 129 8.58 28.57 4.74
CA LEU A 129 9.75 29.04 4.02
C LEU A 129 9.57 28.92 2.50
N ALA A 130 9.06 27.77 2.05
CA ALA A 130 8.84 27.58 0.62
C ALA A 130 7.72 28.46 0.08
N GLY A 131 6.81 28.92 0.94
CA GLY A 131 5.66 29.64 0.45
C GLY A 131 4.66 28.79 -0.29
N ASN A 132 4.68 27.48 -0.04
CA ASN A 132 3.77 26.54 -0.69
C ASN A 132 3.37 25.47 0.30
N LEU A 133 2.09 25.12 0.29
CA LEU A 133 1.61 24.01 1.09
C LEU A 133 2.08 22.69 0.48
N ARG A 134 1.94 21.61 1.26
CA ARG A 134 2.16 20.29 0.70
C ARG A 134 1.10 19.94 -0.34
N GLU A 135 -0.10 20.51 -0.20
CA GLU A 135 -1.19 20.26 -1.13
C GLU A 135 -0.96 20.85 -2.50
N ASN A 136 0.02 21.75 -2.64
CA ASN A 136 0.32 22.36 -3.92
C ASN A 136 1.71 22.03 -4.44
N ILE A 137 2.60 21.52 -3.60
CA ILE A 137 3.90 21.05 -4.05
C ILE A 137 3.72 19.66 -4.66
N GLU A 138 3.99 19.54 -5.96
CA GLU A 138 3.75 18.30 -6.66
C GLU A 138 4.86 17.28 -6.39
N LEU A 139 4.51 16.01 -6.48
CA LEU A 139 5.43 14.91 -6.21
C LEU A 139 5.56 14.03 -7.45
N GLY A 140 6.67 13.33 -7.54
CA GLY A 140 6.95 12.47 -8.68
C GLY A 140 8.43 12.42 -8.95
N ASN A 141 8.79 11.70 -10.01
CA ASN A 141 10.20 11.56 -10.37
C ASN A 141 10.77 12.89 -10.85
N GLY A 142 10.02 13.61 -11.69
CA GLY A 142 10.40 14.93 -12.14
C GLY A 142 10.68 15.90 -11.00
N PRO A 143 9.70 16.04 -10.09
CA PRO A 143 9.96 16.87 -8.90
C PRO A 143 11.16 16.42 -8.09
N LEU A 144 11.40 15.11 -7.98
CA LEU A 144 12.56 14.65 -7.23
C LEU A 144 13.86 14.99 -7.95
N GLU A 145 13.86 14.94 -9.28
CA GLU A 145 15.04 15.35 -10.04
C GLU A 145 15.35 16.83 -9.81
N GLU A 146 14.32 17.68 -9.84
CA GLU A 146 14.52 19.10 -9.60
C GLU A 146 14.94 19.37 -8.16
N ALA A 147 14.44 18.58 -7.21
CA ALA A 147 14.83 18.76 -5.81
C ALA A 147 16.30 18.46 -5.60
N ILE A 148 16.85 17.49 -6.33
CA ILE A 148 18.26 17.16 -6.17
C ILE A 148 19.14 18.29 -6.71
N SER A 149 18.82 18.78 -7.90
CA SER A 149 19.60 19.86 -8.50
C SER A 149 19.53 21.11 -7.64
N ALA A 150 18.39 21.34 -7.00
CA ALA A 150 18.26 22.51 -6.13
C ALA A 150 19.06 22.34 -4.85
N LEU A 151 19.11 21.12 -4.31
CA LEU A 151 19.84 20.90 -3.06
C LEU A 151 21.35 21.07 -3.26
N TYR A 152 21.87 20.60 -4.39
CA TYR A 152 23.31 20.72 -4.64
C TYR A 152 23.71 22.18 -4.79
N TYR A 153 22.93 22.95 -5.56
CA TYR A 153 23.31 24.33 -5.88
C TYR A 153 23.16 25.28 -4.71
N TYR A 154 22.48 24.87 -3.64
CA TYR A 154 22.43 25.71 -2.44
C TYR A 154 23.81 25.85 -1.81
N SER A 155 24.65 24.81 -1.92
CA SER A 155 26.03 24.91 -1.45
C SER A 155 26.83 25.90 -2.27
N THR A 156 26.51 26.03 -3.56
CA THR A 156 27.13 27.01 -4.43
C THR A 156 26.34 28.31 -4.51
N GLY A 157 25.29 28.45 -3.69
CA GLY A 157 24.54 29.69 -3.67
C GLY A 157 23.60 29.87 -4.84
N GLY A 158 23.19 28.79 -5.49
CA GLY A 158 22.35 28.89 -6.67
C GLY A 158 20.87 28.85 -6.38
N THR A 159 20.48 28.20 -5.29
CA THR A 159 19.08 27.96 -4.96
C THR A 159 18.61 28.98 -3.93
N GLN A 160 17.45 29.59 -4.18
CA GLN A 160 16.84 30.48 -3.20
C GLN A 160 16.34 29.68 -2.00
N LEU A 161 16.15 30.37 -0.88
CA LEU A 161 15.68 29.71 0.33
C LEU A 161 14.29 29.10 0.17
N PRO A 162 13.30 29.76 -0.44
CA PRO A 162 12.00 29.07 -0.63
C PRO A 162 12.11 27.78 -1.43
N THR A 163 12.91 27.77 -2.49
CA THR A 163 13.06 26.54 -3.28
C THR A 163 13.75 25.45 -2.48
N LEU A 164 14.73 25.83 -1.65
CA LEU A 164 15.40 24.85 -0.80
C LEU A 164 14.40 24.16 0.12
N ALA A 165 13.48 24.92 0.70
CA ALA A 165 12.44 24.32 1.52
C ALA A 165 11.50 23.46 0.69
N ARG A 166 11.15 23.92 -0.50
CA ARG A 166 10.29 23.13 -1.39
C ARG A 166 10.96 21.81 -1.77
N SER A 167 12.28 21.83 -1.97
CA SER A 167 12.99 20.61 -2.33
C SER A 167 13.04 19.64 -1.17
N PHE A 168 13.16 20.16 0.06
CA PHE A 168 13.14 19.28 1.23
C PHE A 168 11.80 18.58 1.37
N ILE A 169 10.70 19.31 1.13
CA ILE A 169 9.36 18.73 1.23
C ILE A 169 9.19 17.57 0.26
N ILE A 170 9.82 17.67 -0.91
CA ILE A 170 9.72 16.60 -1.90
C ILE A 170 10.55 15.39 -1.50
N CYS A 171 11.77 15.62 -1.02
CA CYS A 171 12.63 14.50 -0.63
C CYS A 171 12.07 13.76 0.58
N ILE A 172 11.59 14.49 1.58
CA ILE A 172 11.09 13.86 2.79
C ILE A 172 9.85 13.01 2.49
N GLN A 173 8.93 13.55 1.68
CA GLN A 173 7.70 12.83 1.39
C GLN A 173 7.98 11.57 0.58
N MET A 174 8.82 11.68 -0.45
CA MET A 174 9.05 10.56 -1.37
C MET A 174 9.98 9.50 -0.80
N ILE A 175 10.65 9.77 0.32
CA ILE A 175 11.57 8.80 0.90
C ILE A 175 11.15 8.46 2.33
N SER A 176 11.20 9.46 3.22
CA SER A 176 10.86 9.22 4.62
C SER A 176 9.43 8.73 4.77
N GLU A 177 8.47 9.50 4.27
CA GLU A 177 7.08 9.10 4.39
C GLU A 177 6.79 7.86 3.57
N ALA A 178 7.59 7.61 2.54
CA ALA A 178 7.39 6.39 1.76
C ALA A 178 7.94 5.19 2.52
N ALA A 179 9.06 5.36 3.20
CA ALA A 179 9.59 4.28 4.04
C ALA A 179 8.68 3.97 5.21
N ARG A 180 7.85 4.93 5.62
CA ARG A 180 6.92 4.74 6.72
C ARG A 180 5.61 4.11 6.29
N PHE A 181 5.19 4.33 5.05
CA PHE A 181 3.88 3.88 4.58
C PHE A 181 4.01 3.17 3.25
N GLN A 182 3.47 1.95 3.17
CA GLN A 182 3.28 1.34 1.87
C GLN A 182 2.26 2.12 1.04
N TYR A 183 1.32 2.79 1.71
CA TYR A 183 0.35 3.64 1.02
C TYR A 183 1.05 4.79 0.29
N ILE A 184 1.86 5.56 1.02
CA ILE A 184 2.58 6.67 0.40
C ILE A 184 3.58 6.15 -0.63
N GLU A 185 4.15 4.97 -0.39
CA GLU A 185 5.02 4.36 -1.38
C GLU A 185 4.26 4.05 -2.67
N GLY A 186 3.10 3.41 -2.54
CA GLY A 186 2.31 3.11 -3.72
C GLY A 186 1.80 4.34 -4.43
N GLU A 187 1.54 5.41 -3.68
CA GLU A 187 1.11 6.66 -4.32
C GLU A 187 2.25 7.30 -5.10
N MET A 188 3.47 7.24 -4.56
CA MET A 188 4.63 7.61 -5.36
C MET A 188 4.88 6.60 -6.47
N ARG A 189 4.53 5.33 -6.22
CA ARG A 189 4.78 4.29 -7.21
C ARG A 189 3.93 4.47 -8.45
N THR A 190 2.72 5.03 -8.32
CA THR A 190 1.88 5.24 -9.49
C THR A 190 2.26 6.52 -10.23
N ARG A 191 2.84 7.50 -9.55
CA ARG A 191 3.34 8.69 -10.25
C ARG A 191 4.52 8.33 -11.13
N ILE A 192 5.41 7.45 -10.65
CA ILE A 192 6.55 7.03 -11.45
C ILE A 192 6.09 6.18 -12.63
N ARG A 193 4.99 5.43 -12.46
CA ARG A 193 4.49 4.55 -13.51
C ARG A 193 4.12 5.33 -14.76
N TYR A 194 3.05 6.13 -14.69
CA TYR A 194 2.60 6.91 -15.83
C TYR A 194 3.36 8.21 -16.01
N ASN A 195 4.40 8.45 -15.21
CA ASN A 195 5.24 9.64 -15.31
C ASN A 195 4.39 10.91 -15.16
N ARG A 196 3.97 11.20 -13.92
CA ARG A 196 3.10 12.34 -13.67
C ARG A 196 3.61 13.10 -12.45
N ARG A 197 3.18 14.36 -12.36
CA ARG A 197 3.54 15.25 -11.26
C ARG A 197 2.26 15.64 -10.54
N SER A 198 1.96 14.95 -9.44
CA SER A 198 0.75 15.20 -8.67
C SER A 198 1.11 15.67 -7.27
N ALA A 199 0.23 16.45 -6.68
CA ALA A 199 0.35 16.81 -5.28
C ALA A 199 -0.28 15.72 -4.42
N PRO A 200 0.21 15.53 -3.20
CA PRO A 200 -0.35 14.47 -2.35
C PRO A 200 -1.81 14.74 -1.98
N ASP A 201 -2.58 13.67 -1.93
CA ASP A 201 -4.00 13.75 -1.61
C ASP A 201 -4.17 14.05 -0.13
N PRO A 202 -5.38 14.45 0.28
CA PRO A 202 -5.66 14.52 1.73
C PRO A 202 -5.42 13.21 2.44
N SER A 203 -5.53 12.08 1.73
CA SER A 203 -5.17 10.79 2.31
C SER A 203 -3.70 10.75 2.70
N VAL A 204 -2.83 11.19 1.80
CA VAL A 204 -1.40 11.17 2.08
C VAL A 204 -1.04 12.22 3.12
N ILE A 205 -1.67 13.40 3.04
CA ILE A 205 -1.38 14.47 4.00
C ILE A 205 -1.73 14.03 5.41
N THR A 206 -2.92 13.43 5.58
CA THR A 206 -3.37 13.05 6.91
C THR A 206 -2.51 11.93 7.48
N LEU A 207 -2.11 10.97 6.65
CA LEU A 207 -1.25 9.89 7.13
C LEU A 207 0.09 10.42 7.60
N GLU A 208 0.61 11.46 6.96
CA GLU A 208 1.86 12.06 7.41
C GLU A 208 1.70 12.75 8.75
N ASN A 209 0.59 13.49 8.93
CA ASN A 209 0.36 14.19 10.19
C ASN A 209 0.04 13.23 11.32
N SER A 210 -0.59 12.09 11.01
CA SER A 210 -1.02 11.15 12.03
C SER A 210 0.01 10.08 12.34
N TRP A 211 1.11 10.02 11.58
CA TRP A 211 2.09 8.96 11.77
C TRP A 211 2.63 8.95 13.19
N GLY A 212 2.84 10.12 13.78
CA GLY A 212 3.29 10.18 15.17
C GLY A 212 2.25 9.63 16.13
N ARG A 213 0.98 9.99 15.93
CA ARG A 213 -0.07 9.49 16.79
C ARG A 213 -0.42 8.04 16.48
N LEU A 214 -0.27 7.62 15.23
CA LEU A 214 -0.56 6.23 14.88
C LEU A 214 0.44 5.27 15.51
N SER A 215 1.71 5.68 15.59
CA SER A 215 2.70 4.86 16.28
C SER A 215 2.32 4.69 17.75
N THR A 216 1.89 5.79 18.40
CA THR A 216 1.47 5.71 19.79
C THR A 216 0.18 4.90 19.93
N ALA A 217 -0.78 5.11 19.03
CA ALA A 217 -2.06 4.43 19.15
C ALA A 217 -1.93 2.92 19.02
N ILE A 218 -0.98 2.45 18.21
CA ILE A 218 -0.86 1.02 17.95
C ILE A 218 -0.07 0.34 19.06
N GLN A 219 1.06 0.92 19.45
CA GLN A 219 1.95 0.24 20.40
C GLN A 219 1.29 0.06 21.76
N GLU A 220 0.63 1.09 22.27
CA GLU A 220 -0.08 0.95 23.53
C GLU A 220 -1.59 0.87 23.29
N SER A 221 -2.00 -0.16 22.56
CA SER A 221 -3.41 -0.51 22.38
C SER A 221 -3.71 -1.77 23.18
N ASN A 222 -4.99 -2.10 23.26
CA ASN A 222 -5.43 -3.30 23.97
C ASN A 222 -5.77 -4.37 22.93
N GLN A 223 -4.82 -5.26 22.67
CA GLN A 223 -4.97 -6.35 21.71
C GLN A 223 -5.33 -5.82 20.32
N GLY A 224 -4.87 -4.62 19.98
CA GLY A 224 -5.05 -4.03 18.67
C GLY A 224 -6.01 -2.86 18.65
N ALA A 225 -6.97 -2.82 19.58
CA ALA A 225 -7.98 -1.78 19.57
C ALA A 225 -7.46 -0.50 20.21
N PHE A 226 -7.71 0.62 19.55
CA PHE A 226 -7.19 1.90 20.01
C PHE A 226 -7.94 2.39 21.24
N ALA A 227 -7.22 3.11 22.11
CA ALA A 227 -7.87 3.78 23.23
C ALA A 227 -8.82 4.87 22.74
N SER A 228 -8.40 5.62 21.73
CA SER A 228 -9.17 6.68 21.13
C SER A 228 -8.99 6.61 19.61
N PRO A 229 -10.01 6.99 18.85
CA PRO A 229 -9.89 6.89 17.39
C PRO A 229 -8.93 7.92 16.82
N ILE A 230 -8.28 7.53 15.73
CA ILE A 230 -7.48 8.44 14.91
C ILE A 230 -8.30 8.76 13.67
N GLN A 231 -8.38 10.04 13.32
CA GLN A 231 -9.14 10.46 12.16
C GLN A 231 -8.24 10.49 10.93
N LEU A 232 -8.71 9.86 9.85
CA LEU A 232 -8.00 9.83 8.58
C LEU A 232 -8.89 10.44 7.50
N GLN A 233 -8.34 10.50 6.28
CA GLN A 233 -9.04 11.06 5.14
C GLN A 233 -8.87 10.16 3.93
N ARG A 234 -9.90 10.12 3.08
CA ARG A 234 -9.87 9.35 1.86
C ARG A 234 -9.17 10.17 0.77
N ARG A 235 -9.22 9.70 -0.48
CA ARG A 235 -8.64 10.48 -1.57
C ARG A 235 -9.34 11.82 -1.69
N ASN A 236 -10.68 11.82 -1.65
CA ASN A 236 -11.42 13.05 -1.46
C ASN A 236 -11.32 13.47 0.00
N GLY A 237 -11.58 14.75 0.25
CA GLY A 237 -11.46 15.28 1.59
C GLY A 237 -12.55 14.80 2.52
N SER A 238 -12.70 13.48 2.66
CA SER A 238 -13.72 12.87 3.51
C SER A 238 -13.06 12.30 4.76
N LYS A 239 -13.59 12.66 5.92
CA LYS A 239 -13.02 12.29 7.20
C LYS A 239 -13.70 11.04 7.73
N PHE A 240 -12.89 10.07 8.19
CA PHE A 240 -13.37 8.88 8.85
C PHE A 240 -12.43 8.55 10.00
N SER A 241 -12.93 7.75 10.94
CA SER A 241 -12.19 7.41 12.15
C SER A 241 -11.78 5.95 12.12
N VAL A 242 -10.58 5.67 12.65
CA VAL A 242 -10.02 4.33 12.70
C VAL A 242 -9.87 3.94 14.17
N TYR A 243 -10.45 2.79 14.54
CA TYR A 243 -10.46 2.34 15.92
C TYR A 243 -9.59 1.12 16.16
N ASP A 244 -9.00 0.53 15.11
CA ASP A 244 -8.27 -0.72 15.27
C ASP A 244 -7.10 -0.76 14.29
N VAL A 245 -6.19 -1.71 14.52
CA VAL A 245 -4.95 -1.77 13.75
C VAL A 245 -5.12 -2.50 12.42
N SER A 246 -6.10 -3.41 12.33
CA SER A 246 -6.19 -4.32 11.20
C SER A 246 -6.21 -3.58 9.87
N ILE A 247 -6.90 -2.43 9.83
CA ILE A 247 -7.00 -1.65 8.60
C ILE A 247 -5.69 -0.97 8.25
N LEU A 248 -4.87 -0.68 9.26
CA LEU A 248 -3.63 0.08 9.06
C LEU A 248 -2.42 -0.81 8.80
N ILE A 249 -2.58 -2.13 8.84
CA ILE A 249 -1.48 -3.06 8.60
C ILE A 249 -0.96 -2.93 7.18
N PRO A 250 -1.82 -2.82 6.15
CA PRO A 250 -1.30 -2.52 4.80
C PRO A 250 -0.90 -1.06 4.61
N ILE A 251 -1.21 -0.17 5.55
CA ILE A 251 -0.93 1.25 5.38
C ILE A 251 0.41 1.64 5.98
N ILE A 252 0.73 1.14 7.17
CA ILE A 252 1.92 1.58 7.91
C ILE A 252 3.03 0.54 7.73
N ALA A 253 4.22 1.02 7.39
CA ALA A 253 5.39 0.16 7.23
C ALA A 253 6.35 0.24 8.40
N LEU A 254 6.44 1.40 9.06
CA LEU A 254 7.33 1.58 10.21
C LEU A 254 6.65 2.47 11.24
N MET A 255 6.96 2.22 12.51
CA MET A 255 6.47 3.03 13.61
C MET A 255 7.65 3.47 14.48
N VAL A 256 7.52 4.65 15.08
CA VAL A 256 8.55 5.16 15.97
C VAL A 256 8.38 4.51 17.34
N TYR A 257 9.50 4.20 17.98
CA TYR A 257 9.50 3.58 19.29
C TYR A 257 8.88 4.49 20.34
N ARG A 258 7.74 4.09 20.89
CA ARG A 258 7.13 4.78 22.02
C ARG A 258 7.44 4.08 23.34
N CYS A 259 7.00 2.84 23.49
CA CYS A 259 7.23 2.05 24.69
C CYS A 259 7.68 0.65 24.31
N ALA A 260 8.04 -0.17 25.34
CA ALA A 260 8.47 -1.54 25.16
C ALA A 260 7.30 -2.50 25.36
N PRO A 261 7.31 -3.65 24.71
CA PRO A 261 6.20 -4.59 24.84
C PRO A 261 6.22 -5.28 26.19
N PRO A 262 5.07 -5.79 26.65
CA PRO A 262 5.04 -6.47 27.93
C PRO A 262 5.74 -7.82 27.85
N PRO A 263 6.39 -8.27 28.94
CA PRO A 263 7.05 -9.58 28.98
C PRO A 263 6.06 -10.74 29.01
N ASP B 2 9.97 2.44 28.75
CA ASP B 2 9.17 1.85 29.81
C ASP B 2 8.50 0.57 29.33
N VAL B 3 7.19 0.48 29.55
CA VAL B 3 6.38 -0.63 29.05
C VAL B 3 5.01 -0.09 28.69
N CYS B 4 4.49 -0.53 27.55
CA CYS B 4 3.23 -0.01 27.04
C CYS B 4 2.08 -0.30 27.99
N MET B 5 1.36 0.74 28.38
CA MET B 5 0.16 0.62 29.20
C MET B 5 -1.03 0.38 28.28
N ASP B 6 -1.58 -0.83 28.33
CA ASP B 6 -2.73 -1.11 27.47
C ASP B 6 -4.02 -0.66 28.15
N PRO B 7 -4.88 0.07 27.44
CA PRO B 7 -6.08 0.62 28.08
C PRO B 7 -7.25 -0.34 28.06
N GLU B 8 -8.44 0.15 28.43
CA GLU B 8 -9.67 -0.63 28.44
C GLU B 8 -10.72 0.12 27.63
N PRO B 9 -10.61 0.09 26.29
CA PRO B 9 -11.50 0.89 25.45
C PRO B 9 -12.88 0.27 25.36
N ILE B 10 -13.90 1.04 25.75
CA ILE B 10 -15.28 0.65 25.51
C ILE B 10 -15.54 0.74 24.01
N VAL B 11 -15.94 -0.37 23.40
CA VAL B 11 -16.02 -0.44 21.95
C VAL B 11 -17.02 -1.51 21.54
N ARG B 12 -17.53 -1.39 20.31
CA ARG B 12 -18.37 -2.42 19.74
C ARG B 12 -17.50 -3.53 19.15
N ILE B 13 -18.12 -4.69 18.95
CA ILE B 13 -17.45 -5.86 18.39
C ILE B 13 -18.31 -6.33 17.21
N VAL B 14 -17.88 -6.01 15.99
CA VAL B 14 -18.61 -6.36 14.78
C VAL B 14 -18.04 -7.64 14.21
N GLY B 15 -18.90 -8.45 13.60
CA GLY B 15 -18.47 -9.72 13.06
C GLY B 15 -19.14 -10.12 11.76
N ARG B 16 -19.82 -11.27 11.77
CA ARG B 16 -20.36 -11.82 10.53
C ARG B 16 -21.47 -10.92 9.97
N ASN B 17 -21.41 -10.72 8.65
CA ASN B 17 -22.40 -9.93 7.92
C ASN B 17 -22.52 -8.51 8.48
N GLY B 18 -21.41 -7.97 8.98
CA GLY B 18 -21.43 -6.63 9.54
C GLY B 18 -22.31 -6.45 10.75
N LEU B 19 -22.65 -7.55 11.42
CA LEU B 19 -23.50 -7.49 12.60
C LEU B 19 -22.65 -7.40 13.86
N CYS B 20 -23.25 -6.88 14.92
CA CYS B 20 -22.55 -6.59 16.16
C CYS B 20 -22.85 -7.63 17.24
N VAL B 21 -21.92 -7.75 18.18
CA VAL B 21 -22.14 -8.58 19.36
C VAL B 21 -23.17 -7.90 20.25
N ASP B 22 -24.20 -8.65 20.64
CA ASP B 22 -25.38 -8.08 21.28
C ASP B 22 -25.81 -8.96 22.45
N VAL B 23 -26.30 -8.31 23.50
CA VAL B 23 -26.88 -9.00 24.65
C VAL B 23 -28.39 -9.09 24.43
N ARG B 24 -28.88 -10.32 24.31
CA ARG B 24 -30.27 -10.57 23.89
C ARG B 24 -31.26 -9.80 24.75
N ASP B 25 -32.09 -9.00 24.08
CA ASP B 25 -33.16 -8.21 24.69
C ASP B 25 -32.66 -7.21 25.72
N GLY B 26 -31.35 -7.01 25.83
CA GLY B 26 -30.81 -6.11 26.82
C GLY B 26 -30.92 -6.57 28.26
N ARG B 27 -31.32 -7.82 28.48
CA ARG B 27 -31.45 -8.36 29.83
C ARG B 27 -30.12 -8.95 30.27
N PHE B 28 -29.74 -8.66 31.52
CA PHE B 28 -28.40 -8.98 32.01
C PHE B 28 -28.41 -10.01 33.13
N HIS B 29 -29.47 -10.81 33.25
CA HIS B 29 -29.45 -11.90 34.21
C HIS B 29 -28.42 -12.94 33.82
N ASN B 30 -27.86 -13.62 34.81
CA ASN B 30 -26.77 -14.56 34.58
C ASN B 30 -27.19 -15.67 33.63
N GLY B 31 -26.33 -15.96 32.65
CA GLY B 31 -26.57 -17.01 31.69
C GLY B 31 -27.31 -16.58 30.44
N ASN B 32 -27.71 -15.32 30.33
CA ASN B 32 -28.45 -14.86 29.15
C ASN B 32 -27.56 -14.92 27.93
N ALA B 33 -28.16 -15.28 26.79
CA ALA B 33 -27.39 -15.56 25.59
C ALA B 33 -26.82 -14.29 24.96
N ILE B 34 -25.74 -14.47 24.21
CA ILE B 34 -25.12 -13.40 23.42
C ILE B 34 -25.40 -13.68 21.95
N GLN B 35 -25.96 -12.70 21.25
CA GLN B 35 -26.46 -12.91 19.91
C GLN B 35 -25.74 -12.02 18.90
N LEU B 36 -26.26 -12.01 17.67
CA LEU B 36 -25.70 -11.28 16.54
C LEU B 36 -26.78 -10.36 16.00
N TRP B 37 -26.65 -9.06 16.24
CA TRP B 37 -27.71 -8.11 15.98
C TRP B 37 -27.21 -6.97 15.10
N PRO B 38 -28.11 -6.34 14.35
CA PRO B 38 -27.73 -5.13 13.61
C PRO B 38 -27.12 -4.07 14.53
N CYS B 39 -26.00 -3.51 14.10
CA CYS B 39 -25.28 -2.54 14.92
C CYS B 39 -26.12 -1.27 15.10
N LYS B 40 -26.20 -0.80 16.33
CA LYS B 40 -26.99 0.37 16.68
C LYS B 40 -26.10 1.63 16.69
N SER B 41 -26.75 2.77 16.83
CA SER B 41 -26.08 4.07 16.88
C SER B 41 -26.52 4.85 18.11
N ASN B 42 -26.68 4.16 19.23
CA ASN B 42 -27.01 4.82 20.49
C ASN B 42 -26.01 4.35 21.55
N THR B 43 -26.40 4.50 22.82
CA THR B 43 -25.54 4.15 23.94
C THR B 43 -26.06 2.97 24.75
N ASP B 44 -26.93 2.15 24.14
CA ASP B 44 -27.42 0.96 24.81
C ASP B 44 -26.27 0.05 25.21
N ALA B 45 -26.26 -0.37 26.47
CA ALA B 45 -25.12 -1.10 27.02
C ALA B 45 -24.96 -2.50 26.43
N ASN B 46 -25.96 -3.01 25.72
CA ASN B 46 -25.90 -4.38 25.22
C ASN B 46 -24.98 -4.56 24.02
N GLN B 47 -24.50 -3.47 23.42
CA GLN B 47 -23.59 -3.56 22.28
C GLN B 47 -22.24 -2.88 22.52
N LEU B 48 -22.05 -2.23 23.66
CA LEU B 48 -20.79 -1.58 23.98
C LEU B 48 -19.99 -2.48 24.92
N TRP B 49 -18.80 -2.88 24.48
CA TRP B 49 -17.99 -3.87 25.17
C TRP B 49 -16.67 -3.25 25.61
N THR B 50 -16.35 -3.40 26.89
CA THR B 50 -15.11 -2.86 27.45
C THR B 50 -14.03 -3.93 27.36
N LEU B 51 -12.98 -3.66 26.59
CA LEU B 51 -11.88 -4.59 26.42
C LEU B 51 -10.95 -4.46 27.63
N LYS B 52 -11.27 -5.21 28.68
CA LYS B 52 -10.61 -5.03 29.97
C LYS B 52 -9.16 -5.52 29.93
N ARG B 53 -8.39 -5.06 30.92
CA ARG B 53 -6.97 -5.33 31.03
C ARG B 53 -6.66 -6.79 31.35
N ASP B 54 -7.66 -7.58 31.75
CA ASP B 54 -7.46 -8.96 32.20
C ASP B 54 -7.92 -9.98 31.16
N ASN B 55 -7.97 -9.60 29.89
CA ASN B 55 -8.42 -10.46 28.80
C ASN B 55 -9.89 -10.84 28.94
N THR B 56 -10.67 -10.07 29.68
CA THR B 56 -12.12 -10.23 29.71
C THR B 56 -12.77 -9.18 28.82
N ILE B 57 -14.04 -9.42 28.49
CA ILE B 57 -14.82 -8.52 27.64
C ILE B 57 -16.14 -8.28 28.37
N ARG B 58 -16.33 -7.06 28.86
CA ARG B 58 -17.41 -6.75 29.79
C ARG B 58 -18.37 -5.73 29.20
N SER B 59 -19.66 -5.92 29.50
CA SER B 59 -20.70 -4.97 29.13
C SER B 59 -21.65 -4.83 30.31
N ASN B 60 -21.80 -3.59 30.79
CA ASN B 60 -22.68 -3.29 31.92
C ASN B 60 -22.28 -4.07 33.18
N GLY B 61 -20.97 -4.32 33.33
CA GLY B 61 -20.42 -4.98 34.49
C GLY B 61 -20.23 -6.48 34.33
N LYS B 62 -21.08 -7.13 33.54
CA LYS B 62 -21.01 -8.58 33.38
C LYS B 62 -19.98 -8.95 32.32
N CYS B 63 -19.44 -10.17 32.44
CA CYS B 63 -18.35 -10.63 31.59
C CYS B 63 -18.88 -11.52 30.46
N LEU B 64 -18.16 -11.48 29.34
CA LEU B 64 -18.43 -12.39 28.23
C LEU B 64 -17.89 -13.78 28.58
N THR B 65 -18.79 -14.75 28.68
CA THR B 65 -18.44 -16.07 29.19
C THR B 65 -19.01 -17.15 28.29
N THR B 66 -18.20 -18.18 28.04
CA THR B 66 -18.64 -19.36 27.31
C THR B 66 -19.27 -20.35 28.28
N TYR B 67 -20.33 -21.01 27.84
CA TYR B 67 -21.01 -21.97 28.72
C TYR B 67 -20.16 -23.20 28.97
N GLY B 68 -19.38 -23.64 27.98
CA GLY B 68 -18.55 -24.81 28.14
C GLY B 68 -17.28 -24.75 27.33
N TYR B 69 -16.52 -25.85 27.33
CA TYR B 69 -15.25 -25.92 26.62
C TYR B 69 -15.29 -26.88 25.44
N SER B 70 -16.46 -27.44 25.12
CA SER B 70 -16.70 -28.28 23.95
C SER B 70 -17.30 -27.44 22.82
N PRO B 71 -17.06 -27.82 21.56
CA PRO B 71 -17.60 -27.02 20.46
C PRO B 71 -19.11 -27.05 20.43
N GLY B 72 -19.70 -25.89 20.13
CA GLY B 72 -21.13 -25.79 19.95
C GLY B 72 -21.90 -25.18 21.10
N VAL B 73 -21.27 -24.95 22.25
CA VAL B 73 -21.96 -24.35 23.39
C VAL B 73 -22.03 -22.85 23.18
N TYR B 74 -23.12 -22.24 23.65
CA TYR B 74 -23.38 -20.84 23.40
C TYR B 74 -22.61 -19.95 24.36
N VAL B 75 -22.29 -18.74 23.90
CA VAL B 75 -21.63 -17.73 24.71
C VAL B 75 -22.69 -16.90 25.41
N MET B 76 -22.51 -16.66 26.71
CA MET B 76 -23.52 -16.05 27.56
C MET B 76 -22.94 -14.83 28.26
N ILE B 77 -23.85 -14.07 28.88
CA ILE B 77 -23.49 -12.98 29.78
C ILE B 77 -23.54 -13.52 31.20
N TYR B 78 -22.62 -13.07 32.05
CA TYR B 78 -22.49 -13.69 33.36
C TYR B 78 -21.73 -12.77 34.30
N ASP B 79 -21.96 -12.97 35.60
CA ASP B 79 -21.20 -12.28 36.62
C ASP B 79 -19.72 -12.63 36.49
N CYS B 80 -18.86 -11.62 36.66
CA CYS B 80 -17.43 -11.83 36.46
C CYS B 80 -16.81 -12.63 37.61
N ASN B 81 -17.36 -12.54 38.82
CA ASN B 81 -16.83 -13.29 39.95
C ASN B 81 -17.52 -14.63 40.13
N THR B 82 -18.79 -14.75 39.70
CA THR B 82 -19.50 -16.01 39.83
C THR B 82 -19.07 -17.03 38.78
N ALA B 83 -18.74 -16.57 37.57
CA ALA B 83 -18.40 -17.48 36.48
C ALA B 83 -17.08 -18.20 36.76
N ALA B 84 -16.84 -19.27 35.99
CA ALA B 84 -15.59 -19.99 36.07
C ALA B 84 -14.42 -19.06 35.76
N THR B 85 -13.32 -19.24 36.49
CA THR B 85 -12.25 -18.24 36.49
C THR B 85 -11.67 -18.05 35.09
N ASP B 86 -11.46 -19.13 34.35
CA ASP B 86 -10.88 -19.03 33.01
C ASP B 86 -11.90 -19.24 31.90
N ALA B 87 -13.19 -19.25 32.23
CA ALA B 87 -14.23 -19.23 31.21
C ALA B 87 -14.55 -17.81 30.73
N THR B 88 -14.11 -16.79 31.47
CA THR B 88 -14.35 -15.40 31.13
C THR B 88 -13.21 -14.78 30.33
N ARG B 89 -12.13 -15.52 30.08
CA ARG B 89 -10.94 -14.98 29.46
C ARG B 89 -10.99 -15.16 27.95
N TRP B 90 -10.57 -14.12 27.23
CA TRP B 90 -10.59 -14.12 25.78
C TRP B 90 -9.33 -13.41 25.25
N GLN B 91 -8.88 -13.85 24.08
CA GLN B 91 -7.77 -13.21 23.38
C GLN B 91 -8.24 -12.75 22.01
N ILE B 92 -7.86 -11.52 21.66
CA ILE B 92 -8.27 -10.90 20.40
C ILE B 92 -7.03 -10.84 19.50
N TRP B 93 -7.01 -11.68 18.48
CA TRP B 93 -5.84 -11.82 17.63
C TRP B 93 -5.83 -10.79 16.51
N ASP B 94 -4.62 -10.52 15.99
CA ASP B 94 -4.48 -9.54 14.92
C ASP B 94 -5.22 -9.97 13.66
N ASN B 95 -5.34 -11.28 13.43
CA ASN B 95 -6.04 -11.79 12.26
C ASN B 95 -7.55 -11.87 12.44
N GLY B 96 -8.10 -11.20 13.45
CA GLY B 96 -9.52 -11.08 13.64
C GLY B 96 -10.19 -12.18 14.45
N THR B 97 -9.41 -13.11 14.99
CA THR B 97 -9.97 -14.24 15.72
C THR B 97 -10.06 -13.94 17.21
N ILE B 98 -11.20 -14.25 17.81
CA ILE B 98 -11.41 -14.16 19.25
C ILE B 98 -11.50 -15.57 19.79
N ILE B 99 -10.57 -15.93 20.68
CA ILE B 99 -10.38 -17.32 21.10
C ILE B 99 -10.40 -17.41 22.63
N ASN B 100 -11.05 -18.46 23.15
CA ASN B 100 -11.00 -18.77 24.57
C ASN B 100 -9.80 -19.66 24.83
N PRO B 101 -8.75 -19.19 25.53
CA PRO B 101 -7.47 -19.90 25.49
C PRO B 101 -7.40 -21.16 26.36
N ARG B 102 -8.53 -21.58 26.93
CA ARG B 102 -8.56 -22.85 27.66
C ARG B 102 -9.13 -23.97 26.82
N SER B 103 -10.33 -23.78 26.27
CA SER B 103 -10.85 -24.70 25.28
C SER B 103 -10.09 -24.62 23.96
N SER B 104 -9.33 -23.54 23.76
CA SER B 104 -8.74 -23.17 22.48
C SER B 104 -9.79 -22.97 21.39
N LEU B 105 -11.07 -23.00 21.76
CA LEU B 105 -12.15 -22.75 20.82
C LEU B 105 -12.28 -21.26 20.55
N VAL B 106 -13.07 -20.92 19.55
CA VAL B 106 -13.06 -19.59 18.96
C VAL B 106 -14.50 -19.07 18.89
N LEU B 107 -14.68 -17.81 19.32
CA LEU B 107 -15.98 -17.17 19.22
C LEU B 107 -16.45 -17.14 17.77
N ALA B 108 -17.63 -17.67 17.51
CA ALA B 108 -18.13 -17.81 16.16
C ALA B 108 -19.64 -17.66 16.14
N ALA B 109 -20.16 -17.30 14.97
CA ALA B 109 -21.60 -17.23 14.72
C ALA B 109 -21.89 -18.20 13.57
N THR B 110 -22.32 -19.41 13.92
CA THR B 110 -22.57 -20.46 12.94
C THR B 110 -23.76 -20.17 12.03
N SER B 111 -24.42 -19.03 12.21
CA SER B 111 -25.48 -18.60 11.32
C SER B 111 -25.34 -17.10 11.08
N GLY B 112 -25.82 -16.64 9.93
CA GLY B 112 -25.72 -15.24 9.58
C GLY B 112 -26.97 -14.44 9.90
N ASN B 113 -28.05 -15.14 10.27
CA ASN B 113 -29.32 -14.48 10.53
C ASN B 113 -29.20 -13.50 11.70
N SER B 114 -30.03 -12.46 11.65
CA SER B 114 -30.13 -11.53 12.76
C SER B 114 -30.63 -12.27 14.00
N GLY B 115 -29.96 -12.08 15.13
CA GLY B 115 -30.35 -12.79 16.32
C GLY B 115 -29.70 -14.14 16.48
N THR B 116 -28.62 -14.39 15.75
CA THR B 116 -27.94 -15.68 15.84
C THR B 116 -27.17 -15.79 17.14
N THR B 117 -27.45 -16.83 17.92
CA THR B 117 -26.75 -17.05 19.17
C THR B 117 -25.28 -17.37 18.91
N LEU B 118 -24.39 -16.62 19.56
CA LEU B 118 -22.97 -16.84 19.40
C LEU B 118 -22.54 -18.12 20.10
N THR B 119 -21.53 -18.78 19.53
CA THR B 119 -21.01 -20.03 20.08
C THR B 119 -19.48 -19.99 20.02
N VAL B 120 -18.87 -20.98 20.66
CA VAL B 120 -17.44 -21.24 20.51
C VAL B 120 -17.28 -22.47 19.64
N GLN B 121 -16.34 -22.40 18.69
CA GLN B 121 -16.17 -23.46 17.71
C GLN B 121 -14.69 -23.71 17.49
N THR B 122 -14.39 -24.83 16.83
CA THR B 122 -13.01 -25.14 16.48
C THR B 122 -12.51 -24.16 15.42
N ASN B 123 -11.31 -23.63 15.66
CA ASN B 123 -10.78 -22.55 14.83
C ASN B 123 -10.48 -23.07 13.43
N ILE B 124 -11.28 -22.64 12.46
CA ILE B 124 -11.03 -22.92 11.04
C ILE B 124 -10.75 -21.65 10.25
N TYR B 125 -10.68 -20.49 10.90
CA TYR B 125 -10.42 -19.21 10.24
C TYR B 125 -11.46 -18.90 9.17
N ALA B 126 -12.72 -19.18 9.49
CA ALA B 126 -13.82 -18.90 8.58
C ALA B 126 -14.40 -17.52 8.82
N VAL B 127 -15.18 -17.05 7.84
CA VAL B 127 -15.89 -15.77 7.98
C VAL B 127 -16.78 -15.81 9.21
N SER B 128 -17.36 -16.97 9.51
CA SER B 128 -18.17 -17.13 10.71
C SER B 128 -17.35 -16.99 11.99
N GLN B 129 -16.02 -16.88 11.89
CA GLN B 129 -15.16 -16.77 13.06
C GLN B 129 -14.33 -15.49 13.06
N GLY B 130 -14.67 -14.52 12.22
CA GLY B 130 -13.95 -13.25 12.15
C GLY B 130 -14.70 -12.16 12.88
N TRP B 131 -13.95 -11.33 13.61
CA TRP B 131 -14.53 -10.25 14.39
C TRP B 131 -13.62 -9.04 14.33
N LEU B 132 -14.20 -7.86 14.57
CA LEU B 132 -13.46 -6.61 14.59
C LEU B 132 -13.96 -5.71 15.71
N PRO B 133 -13.12 -5.39 16.69
CA PRO B 133 -13.50 -4.42 17.73
C PRO B 133 -13.34 -2.99 17.24
N THR B 134 -14.46 -2.31 17.03
CA THR B 134 -14.45 -0.95 16.50
C THR B 134 -15.80 -0.31 16.74
N ASN B 135 -15.80 1.02 16.86
CA ASN B 135 -17.04 1.77 16.88
C ASN B 135 -17.54 2.10 15.48
N ASN B 136 -16.92 1.53 14.46
CA ASN B 136 -17.29 1.80 13.07
C ASN B 136 -18.33 0.80 12.61
N THR B 137 -19.52 1.30 12.27
CA THR B 137 -20.62 0.41 11.91
C THR B 137 -20.51 -0.11 10.48
N GLN B 138 -19.99 0.71 9.56
CA GLN B 138 -20.01 0.35 8.15
C GLN B 138 -18.71 -0.30 7.72
N PRO B 139 -18.74 -1.13 6.69
CA PRO B 139 -17.50 -1.69 6.13
C PRO B 139 -16.68 -0.63 5.43
N PHE B 140 -15.39 -0.92 5.26
CA PHE B 140 -14.45 0.03 4.68
C PHE B 140 -14.43 -0.16 3.16
N VAL B 141 -14.94 0.82 2.43
CA VAL B 141 -15.06 0.74 0.98
C VAL B 141 -13.84 1.40 0.35
N THR B 142 -13.04 0.61 -0.37
CA THR B 142 -11.85 1.12 -1.06
C THR B 142 -11.80 0.51 -2.46
N THR B 143 -10.67 0.73 -3.13
CA THR B 143 -10.35 0.10 -4.39
C THR B 143 -9.03 -0.63 -4.21
N ILE B 144 -9.03 -1.94 -4.47
CA ILE B 144 -7.86 -2.78 -4.25
C ILE B 144 -7.01 -2.77 -5.51
N VAL B 145 -5.82 -2.19 -5.42
CA VAL B 145 -4.91 -2.03 -6.56
C VAL B 145 -3.78 -3.03 -6.43
N GLY B 146 -3.49 -3.74 -7.52
CA GLY B 146 -2.44 -4.75 -7.50
C GLY B 146 -1.36 -4.55 -8.53
N LEU B 147 -1.12 -5.58 -9.35
CA LEU B 147 -0.03 -5.57 -10.32
C LEU B 147 -0.20 -4.43 -11.32
N TYR B 148 0.91 -3.79 -11.65
CA TYR B 148 0.98 -2.72 -12.65
C TYR B 148 0.06 -1.54 -12.32
N GLY B 149 -0.35 -1.41 -11.06
CA GLY B 149 -1.30 -0.37 -10.72
C GLY B 149 -2.66 -0.54 -11.36
N LEU B 150 -3.15 -1.78 -11.43
CA LEU B 150 -4.46 -2.07 -11.99
C LEU B 150 -5.43 -2.39 -10.85
N CYS B 151 -6.72 -2.21 -11.13
CA CYS B 151 -7.75 -2.33 -10.11
C CYS B 151 -8.40 -3.71 -10.13
N LEU B 152 -8.79 -4.16 -8.93
CA LEU B 152 -9.50 -5.43 -8.79
C LEU B 152 -10.97 -5.21 -9.10
N GLN B 153 -11.45 -5.80 -10.19
CA GLN B 153 -12.81 -5.60 -10.67
C GLN B 153 -13.54 -6.94 -10.71
N ALA B 154 -14.82 -6.90 -10.37
CA ALA B 154 -15.67 -8.09 -10.40
C ALA B 154 -16.91 -7.81 -11.25
N ASN B 155 -17.21 -8.72 -12.17
CA ASN B 155 -18.41 -8.66 -12.99
C ASN B 155 -19.08 -10.03 -12.92
N SER B 156 -20.30 -10.06 -12.37
CA SER B 156 -21.03 -11.30 -12.11
C SER B 156 -20.19 -12.13 -11.15
N GLY B 157 -19.89 -13.39 -11.45
CA GLY B 157 -19.10 -14.21 -10.55
C GLY B 157 -17.61 -14.11 -10.78
N GLN B 158 -17.22 -13.65 -11.98
CA GLN B 158 -15.81 -13.55 -12.32
C GLN B 158 -15.19 -12.29 -11.76
N VAL B 159 -13.93 -12.41 -11.31
CA VAL B 159 -13.16 -11.29 -10.80
C VAL B 159 -11.79 -11.32 -11.46
N TRP B 160 -11.35 -10.17 -11.97
CA TRP B 160 -10.08 -10.07 -12.66
C TRP B 160 -9.40 -8.77 -12.25
N ILE B 161 -8.42 -8.35 -13.02
CA ILE B 161 -7.67 -7.12 -12.77
C ILE B 161 -7.67 -6.28 -14.04
N GLU B 162 -7.76 -4.97 -13.89
CA GLU B 162 -8.00 -4.09 -15.02
C GLU B 162 -7.54 -2.68 -14.66
N ASP B 163 -7.28 -1.88 -15.69
CA ASP B 163 -6.87 -0.50 -15.47
C ASP B 163 -7.97 0.27 -14.76
N CYS B 164 -7.57 1.06 -13.77
CA CYS B 164 -8.52 1.67 -12.85
C CYS B 164 -9.39 2.72 -13.55
N SER B 165 -10.69 2.64 -13.31
CA SER B 165 -11.66 3.59 -13.83
C SER B 165 -12.51 4.11 -12.69
N SER B 166 -12.54 5.43 -12.50
CA SER B 166 -13.27 6.04 -11.41
C SER B 166 -14.78 5.87 -11.59
N GLU B 170 -18.47 -3.00 -10.68
CA GLU B 170 -17.66 -1.91 -10.17
C GLU B 170 -16.36 -2.41 -9.55
N GLN B 171 -15.46 -1.47 -9.25
CA GLN B 171 -14.17 -1.78 -8.66
C GLN B 171 -14.09 -1.39 -7.19
N GLN B 172 -15.20 -0.99 -6.60
CA GLN B 172 -15.24 -0.69 -5.17
C GLN B 172 -15.51 -1.97 -4.39
N TRP B 173 -14.92 -2.05 -3.20
CA TRP B 173 -14.98 -3.27 -2.40
C TRP B 173 -15.27 -2.92 -0.95
N ALA B 174 -16.22 -3.63 -0.35
CA ALA B 174 -16.54 -3.48 1.06
C ALA B 174 -15.73 -4.48 1.87
N LEU B 175 -14.80 -3.98 2.67
CA LEU B 175 -13.99 -4.82 3.55
C LEU B 175 -14.74 -4.99 4.86
N TYR B 176 -15.42 -6.12 5.00
CA TYR B 176 -16.29 -6.34 6.15
C TYR B 176 -15.49 -6.71 7.39
N ALA B 177 -16.16 -6.61 8.55
CA ALA B 177 -15.49 -6.89 9.82
C ALA B 177 -15.17 -8.37 9.97
N ASP B 178 -15.98 -9.24 9.36
CA ASP B 178 -15.75 -10.67 9.46
C ASP B 178 -14.57 -11.16 8.63
N GLY B 179 -13.84 -10.26 7.97
CA GLY B 179 -12.72 -10.62 7.13
C GLY B 179 -13.07 -10.93 5.69
N SER B 180 -14.34 -10.78 5.30
CA SER B 180 -14.76 -11.05 3.95
C SER B 180 -14.65 -9.80 3.09
N ILE B 181 -14.27 -10.00 1.83
CA ILE B 181 -14.16 -8.92 0.85
C ILE B 181 -15.35 -9.04 -0.10
N ARG B 182 -16.19 -8.01 -0.11
CA ARG B 182 -17.43 -8.06 -0.86
C ARG B 182 -17.50 -6.92 -1.87
N PRO B 183 -17.98 -7.18 -3.08
CA PRO B 183 -18.22 -6.08 -4.02
C PRO B 183 -19.27 -5.12 -3.48
N GLN B 184 -18.99 -3.82 -3.64
CA GLN B 184 -19.84 -2.81 -3.02
C GLN B 184 -21.26 -2.81 -3.58
N GLN B 185 -21.44 -3.28 -4.82
CA GLN B 185 -22.74 -3.22 -5.46
C GLN B 185 -23.65 -4.37 -5.03
N ASN B 186 -23.11 -5.43 -4.45
CA ASN B 186 -23.93 -6.57 -3.98
C ASN B 186 -23.25 -7.12 -2.73
N ARG B 187 -23.69 -6.65 -1.57
CA ARG B 187 -22.99 -6.86 -0.31
C ARG B 187 -23.36 -8.17 0.38
N ASP B 188 -24.04 -9.09 -0.31
CA ASP B 188 -24.17 -10.46 0.16
C ASP B 188 -23.46 -11.45 -0.76
N ASN B 189 -22.47 -10.97 -1.52
CA ASN B 189 -21.59 -11.80 -2.33
C ASN B 189 -20.16 -11.58 -1.88
N CYS B 190 -19.38 -12.66 -1.83
CA CYS B 190 -18.05 -12.63 -1.24
C CYS B 190 -17.00 -13.08 -2.24
N LEU B 191 -15.75 -12.68 -1.96
CA LEU B 191 -14.59 -13.11 -2.73
C LEU B 191 -14.23 -14.51 -2.28
N THR B 192 -14.72 -15.51 -3.01
CA THR B 192 -14.68 -16.90 -2.59
C THR B 192 -13.60 -17.68 -3.33
N SER B 193 -13.05 -18.69 -2.66
CA SER B 193 -12.15 -19.66 -3.26
C SER B 193 -12.49 -21.04 -2.73
N ASP B 194 -12.81 -21.97 -3.64
CA ASP B 194 -13.28 -23.29 -3.26
C ASP B 194 -12.19 -24.12 -2.59
N SER B 195 -11.28 -24.67 -3.37
CA SER B 195 -10.23 -25.52 -2.83
C SER B 195 -9.16 -24.69 -2.14
N ASN B 196 -8.35 -25.37 -1.34
CA ASN B 196 -7.26 -24.72 -0.62
C ASN B 196 -5.92 -25.04 -1.27
N GLU B 199 -3.55 -23.16 -6.95
CA GLU B 199 -3.76 -22.81 -8.35
C GLU B 199 -5.24 -22.63 -8.65
N THR B 200 -6.08 -22.75 -7.62
CA THR B 200 -7.51 -22.60 -7.79
C THR B 200 -7.87 -21.13 -8.05
N VAL B 201 -9.06 -20.93 -8.60
CA VAL B 201 -9.50 -19.63 -9.09
C VAL B 201 -10.52 -19.02 -8.13
N VAL B 202 -10.45 -17.70 -7.95
CA VAL B 202 -11.32 -16.96 -7.05
C VAL B 202 -12.56 -16.51 -7.82
N LYS B 203 -13.71 -16.55 -7.15
CA LYS B 203 -14.98 -16.16 -7.76
C LYS B 203 -15.78 -15.31 -6.79
N ILE B 204 -17.01 -14.97 -7.18
CA ILE B 204 -17.91 -14.18 -6.36
C ILE B 204 -19.17 -14.99 -6.06
N LEU B 205 -19.08 -15.86 -5.05
CA LEU B 205 -20.24 -16.58 -4.56
C LEU B 205 -20.89 -15.82 -3.40
N SER B 206 -22.06 -16.30 -3.00
CA SER B 206 -22.75 -15.68 -1.86
C SER B 206 -22.01 -15.99 -0.56
N CYS B 207 -22.11 -15.06 0.39
CA CYS B 207 -21.46 -15.20 1.68
C CYS B 207 -22.22 -16.12 2.63
N GLY B 208 -23.28 -16.78 2.14
CA GLY B 208 -24.07 -17.69 2.93
C GLY B 208 -23.27 -18.68 3.74
N PRO B 209 -22.39 -19.45 3.07
CA PRO B 209 -21.55 -20.40 3.84
C PRO B 209 -20.64 -19.73 4.86
N ALA B 210 -20.16 -18.51 4.58
CA ALA B 210 -19.22 -17.81 5.45
C ALA B 210 -18.05 -18.71 5.80
N SER B 211 -17.39 -19.20 4.76
CA SER B 211 -16.42 -20.28 4.87
C SER B 211 -14.99 -19.76 4.86
N SER B 212 -14.10 -20.54 5.45
CA SER B 212 -12.67 -20.34 5.27
C SER B 212 -12.34 -20.49 3.79
N GLY B 213 -11.84 -19.43 3.19
CA GLY B 213 -11.83 -19.27 1.75
C GLY B 213 -12.63 -18.07 1.28
N GLN B 214 -13.49 -17.52 2.13
CA GLN B 214 -14.11 -16.23 1.93
C GLN B 214 -13.57 -15.19 2.90
N ARG B 215 -12.69 -15.59 3.82
CA ARG B 215 -12.10 -14.69 4.81
C ARG B 215 -10.68 -14.34 4.39
N TRP B 216 -10.36 -13.05 4.42
CA TRP B 216 -9.09 -12.54 3.93
C TRP B 216 -8.50 -11.58 4.96
N MET B 217 -7.19 -11.40 4.89
CA MET B 217 -6.47 -10.53 5.82
C MET B 217 -5.42 -9.75 5.05
N PHE B 218 -5.50 -8.42 5.12
CA PHE B 218 -4.48 -7.56 4.52
C PHE B 218 -3.25 -7.57 5.42
N LYS B 219 -2.11 -7.95 4.86
CA LYS B 219 -0.88 -8.13 5.61
C LYS B 219 0.09 -6.98 5.34
N ASN B 220 1.12 -6.89 6.18
CA ASN B 220 2.07 -5.78 6.10
C ASN B 220 2.99 -5.91 4.90
N ASP B 221 3.24 -7.14 4.42
CA ASP B 221 4.12 -7.34 3.29
C ASP B 221 3.48 -6.98 1.95
N GLY B 222 2.19 -6.60 1.95
CA GLY B 222 1.50 -6.22 0.74
C GLY B 222 0.61 -7.27 0.14
N THR B 223 0.54 -8.46 0.74
CA THR B 223 -0.25 -9.56 0.21
C THR B 223 -1.57 -9.68 0.96
N ILE B 224 -2.59 -10.13 0.24
CA ILE B 224 -3.89 -10.45 0.83
C ILE B 224 -3.90 -11.95 1.09
N LEU B 225 -3.90 -12.32 2.36
CA LEU B 225 -3.63 -13.70 2.80
C LEU B 225 -4.92 -14.38 3.21
N ASN B 226 -5.14 -15.58 2.67
CA ASN B 226 -6.21 -16.44 3.16
C ASN B 226 -5.70 -17.21 4.36
N LEU B 227 -6.33 -17.01 5.52
CA LEU B 227 -5.75 -17.46 6.78
C LEU B 227 -5.68 -18.99 6.84
N TYR B 228 -6.78 -19.66 6.53
CA TYR B 228 -6.85 -21.11 6.70
C TYR B 228 -5.84 -21.82 5.82
N SER B 229 -5.76 -21.43 4.54
CA SER B 229 -4.91 -22.14 3.60
C SER B 229 -3.45 -21.74 3.73
N GLY B 230 -3.16 -20.50 4.12
CA GLY B 230 -1.81 -19.99 4.08
C GLY B 230 -1.38 -19.44 2.73
N LEU B 231 -2.25 -19.49 1.73
CA LEU B 231 -1.97 -18.99 0.40
C LEU B 231 -2.50 -17.57 0.25
N VAL B 232 -1.97 -16.85 -0.75
CA VAL B 232 -2.29 -15.45 -0.96
C VAL B 232 -2.90 -15.28 -2.35
N LEU B 233 -3.37 -14.06 -2.62
CA LEU B 233 -3.92 -13.74 -3.94
C LEU B 233 -2.80 -13.60 -4.96
N ASP B 234 -2.98 -14.20 -6.12
CA ASP B 234 -1.94 -14.24 -7.14
C ASP B 234 -2.56 -14.00 -8.51
N VAL B 235 -1.83 -13.27 -9.34
CA VAL B 235 -2.19 -13.05 -10.74
C VAL B 235 -1.42 -14.06 -11.57
N ARG B 236 -2.14 -14.99 -12.19
CA ARG B 236 -1.53 -16.13 -12.88
C ARG B 236 -0.40 -15.73 -13.82
N ALA B 237 0.82 -16.12 -13.45
CA ALA B 237 2.02 -15.86 -14.25
C ALA B 237 2.24 -14.37 -14.51
N SER B 238 1.76 -13.53 -13.60
CA SER B 238 1.84 -12.08 -13.74
C SER B 238 1.26 -11.62 -15.08
N ASP B 239 0.12 -12.19 -15.44
CA ASP B 239 -0.50 -11.96 -16.74
C ASP B 239 -1.92 -11.43 -16.52
N PRO B 240 -2.11 -10.12 -16.54
CA PRO B 240 -3.47 -9.57 -16.32
C PRO B 240 -4.45 -9.93 -17.43
N SER B 241 -3.97 -10.19 -18.64
CA SER B 241 -4.88 -10.49 -19.75
C SER B 241 -5.56 -11.84 -19.59
N LEU B 242 -5.07 -12.70 -18.70
CA LEU B 242 -5.72 -13.99 -18.49
C LEU B 242 -7.04 -13.86 -17.74
N LYS B 243 -7.29 -12.71 -17.12
CA LYS B 243 -8.51 -12.47 -16.36
C LYS B 243 -8.74 -13.56 -15.32
N GLN B 244 -7.67 -13.95 -14.63
CA GLN B 244 -7.73 -15.01 -13.63
C GLN B 244 -6.91 -14.62 -12.42
N ILE B 245 -7.56 -14.49 -11.27
CA ILE B 245 -6.88 -14.29 -9.99
C ILE B 245 -6.92 -15.61 -9.24
N ILE B 246 -5.75 -16.16 -8.94
CA ILE B 246 -5.66 -17.49 -8.34
C ILE B 246 -5.12 -17.40 -6.92
N LEU B 247 -4.99 -18.56 -6.27
CA LEU B 247 -4.55 -18.67 -4.89
C LEU B 247 -3.26 -19.49 -4.89
N TYR B 248 -2.12 -18.81 -4.79
CA TYR B 248 -0.79 -19.39 -4.91
C TYR B 248 -0.03 -19.26 -3.60
N PRO B 249 0.92 -20.15 -3.34
CA PRO B 249 1.80 -19.99 -2.16
C PRO B 249 2.57 -18.68 -2.23
N LEU B 250 3.16 -18.32 -1.09
CA LEU B 250 3.76 -17.01 -0.91
C LEU B 250 5.17 -16.94 -1.48
N HIS B 251 5.43 -15.90 -2.27
CA HIS B 251 6.80 -15.52 -2.63
C HIS B 251 7.05 -14.02 -2.57
N GLY B 252 6.06 -13.18 -2.87
CA GLY B 252 6.18 -11.76 -2.69
C GLY B 252 6.44 -10.92 -3.92
N ASP B 253 6.30 -11.49 -5.11
CA ASP B 253 6.52 -10.74 -6.34
C ASP B 253 5.34 -9.80 -6.59
N PRO B 254 5.50 -8.82 -7.49
CA PRO B 254 4.40 -7.85 -7.74
C PRO B 254 3.05 -8.49 -8.04
N ASN B 255 3.02 -9.69 -8.62
CA ASN B 255 1.74 -10.33 -8.91
C ASN B 255 1.04 -10.81 -7.64
N GLN B 256 1.65 -10.66 -6.47
CA GLN B 256 1.04 -10.97 -5.20
C GLN B 256 0.81 -9.74 -4.32
N ILE B 257 1.30 -8.58 -4.71
CA ILE B 257 1.26 -7.38 -3.88
C ILE B 257 0.01 -6.57 -4.21
N TRP B 258 -0.69 -6.11 -3.18
CA TRP B 258 -1.91 -5.33 -3.33
C TRP B 258 -1.84 -4.12 -2.42
N LEU B 259 -2.83 -3.24 -2.56
CA LEU B 259 -2.85 -1.98 -1.82
C LEU B 259 -4.25 -1.38 -1.82
N PRO B 260 -4.89 -1.24 -0.66
CA PRO B 260 -6.22 -0.62 -0.61
C PRO B 260 -6.13 0.89 -0.73
N LEU B 261 -6.78 1.43 -1.76
CA LEU B 261 -6.73 2.87 -2.06
C LEU B 261 -8.13 3.45 -1.81
N PHE B 262 -8.38 3.85 -0.57
CA PHE B 262 -9.65 4.42 -0.17
C PHE B 262 -9.76 5.89 -0.56
N GLN C 1 -2.77 11.26 -20.23
CA GLN C 1 -2.02 12.27 -20.97
C GLN C 1 -1.14 11.62 -22.03
N VAL C 2 -0.79 12.37 -23.06
CA VAL C 2 0.09 11.92 -24.13
C VAL C 2 1.41 12.69 -24.03
N GLN C 3 2.52 11.95 -24.01
CA GLN C 3 3.83 12.55 -23.90
C GLN C 3 4.79 12.08 -25.00
N LEU C 4 4.29 11.36 -26.00
CA LEU C 4 5.07 10.97 -27.16
C LEU C 4 4.37 11.45 -28.42
N ALA C 5 5.16 11.99 -29.35
CA ALA C 5 4.64 12.46 -30.63
C ALA C 5 4.63 11.32 -31.63
N GLU C 6 3.60 11.27 -32.46
CA GLU C 6 3.44 10.22 -33.46
C GLU C 6 3.45 10.82 -34.85
N THR C 7 4.26 10.24 -35.73
CA THR C 7 4.34 10.64 -37.13
C THR C 7 4.38 9.39 -37.99
N GLY C 8 3.38 9.20 -38.83
CA GLY C 8 3.31 8.07 -39.72
C GLY C 8 1.90 7.57 -39.86
N GLY C 9 1.75 6.37 -40.41
CA GLY C 9 0.44 5.79 -40.63
C GLY C 9 -0.12 6.08 -42.01
N GLY C 10 -1.33 5.56 -42.23
CA GLY C 10 -2.05 5.82 -43.46
C GLY C 10 -2.51 4.53 -44.10
N LEU C 11 -2.75 4.60 -45.41
CA LEU C 11 -3.25 3.49 -46.20
C LEU C 11 -2.13 2.87 -47.02
N VAL C 12 -2.14 1.54 -47.12
CA VAL C 12 -1.09 0.79 -47.81
C VAL C 12 -1.72 -0.40 -48.51
N GLU C 13 -1.12 -0.78 -49.64
CA GLU C 13 -1.50 -2.01 -50.32
C GLU C 13 -0.82 -3.20 -49.63
N PRO C 14 -1.52 -4.33 -49.50
CA PRO C 14 -0.89 -5.52 -48.88
C PRO C 14 0.39 -5.90 -49.60
N GLY C 15 1.41 -6.20 -48.81
CA GLY C 15 2.73 -6.50 -49.33
C GLY C 15 3.68 -5.32 -49.37
N GLY C 16 3.27 -4.16 -48.87
CA GLY C 16 4.08 -2.96 -48.89
C GLY C 16 4.60 -2.63 -47.50
N SER C 17 5.53 -1.66 -47.48
CA SER C 17 6.18 -1.24 -46.25
C SER C 17 5.57 0.06 -45.74
N LEU C 18 5.98 0.44 -44.53
CA LEU C 18 5.52 1.66 -43.86
C LEU C 18 6.34 1.85 -42.59
N ARG C 19 6.64 3.10 -42.26
CA ARG C 19 7.44 3.44 -41.09
C ARG C 19 6.63 4.26 -40.10
N LEU C 20 6.85 4.02 -38.82
CA LEU C 20 6.14 4.72 -37.74
C LEU C 20 7.19 5.32 -36.80
N SER C 21 7.44 6.61 -36.93
CA SER C 21 8.37 7.30 -36.05
C SER C 21 7.64 7.81 -34.81
N CYS C 22 8.41 7.99 -33.73
CA CYS C 22 7.83 8.39 -32.45
C CYS C 22 8.93 8.98 -31.59
N ALA C 23 8.81 10.27 -31.26
CA ALA C 23 9.81 10.99 -30.50
C ALA C 23 9.20 11.58 -29.23
N ALA C 24 10.06 12.01 -28.32
CA ALA C 24 9.65 12.60 -27.05
C ALA C 24 10.44 13.88 -26.80
N PRO C 25 9.78 15.04 -26.82
CA PRO C 25 10.51 16.30 -26.60
C PRO C 25 11.02 16.46 -25.18
N GLU C 26 10.12 16.31 -24.20
CA GLU C 26 10.46 16.53 -22.80
C GLU C 26 10.69 15.24 -22.02
N PHE C 27 10.45 14.08 -22.62
CA PHE C 27 10.64 12.81 -21.96
C PHE C 27 11.97 12.19 -22.37
N ARG C 28 12.67 11.62 -21.39
CA ARG C 28 13.99 11.02 -21.63
C ARG C 28 13.78 9.56 -22.04
N LEU C 29 13.49 9.37 -23.33
CA LEU C 29 13.11 8.06 -23.84
C LEU C 29 14.28 7.10 -23.94
N GLN C 30 15.52 7.60 -23.94
CA GLN C 30 16.68 6.74 -24.13
C GLN C 30 16.92 5.78 -22.97
N TYR C 31 16.20 5.93 -21.86
CA TYR C 31 16.44 5.14 -20.67
C TYR C 31 15.52 3.93 -20.54
N TYR C 32 14.32 3.98 -21.10
CA TYR C 32 13.30 2.99 -20.82
C TYR C 32 13.02 2.11 -22.04
N THR C 33 12.53 0.89 -21.76
CA THR C 33 12.09 0.01 -22.83
C THR C 33 10.93 0.66 -23.59
N ALA C 34 11.08 0.74 -24.91
CA ALA C 34 10.07 1.32 -25.77
C ALA C 34 9.42 0.22 -26.59
N GLY C 35 8.11 0.36 -26.83
CA GLY C 35 7.37 -0.66 -27.54
C GLY C 35 6.24 -0.07 -28.36
N TRP C 36 5.64 -0.93 -29.17
CA TRP C 36 4.51 -0.58 -30.03
C TRP C 36 3.32 -1.46 -29.69
N PHE C 37 2.15 -0.83 -29.60
CA PHE C 37 0.90 -1.54 -29.36
C PHE C 37 -0.10 -1.15 -30.44
N ARG C 38 -1.06 -2.03 -30.68
CA ARG C 38 -2.12 -1.77 -31.64
C ARG C 38 -3.43 -2.27 -31.06
N GLN C 39 -4.53 -1.91 -31.74
CA GLN C 39 -5.86 -2.32 -31.31
C GLN C 39 -6.81 -2.18 -32.50
N ALA C 40 -7.42 -3.29 -32.92
CA ALA C 40 -8.40 -3.25 -33.98
C ALA C 40 -9.69 -2.60 -33.49
N PRO C 41 -10.45 -1.98 -34.39
CA PRO C 41 -11.71 -1.34 -33.98
C PRO C 41 -12.61 -2.21 -33.10
N GLY C 42 -12.80 -3.48 -33.46
CA GLY C 42 -13.62 -4.37 -32.66
C GLY C 42 -13.09 -4.53 -31.26
N LYS C 43 -11.92 -5.15 -31.17
CA LYS C 43 -11.17 -5.44 -29.95
C LYS C 43 -9.78 -5.76 -30.47
N GLU C 44 -8.78 -5.90 -29.60
CA GLU C 44 -8.70 -5.53 -28.17
C GLU C 44 -7.23 -5.15 -28.04
N ARG C 45 -6.80 -4.39 -27.03
CA ARG C 45 -5.40 -3.96 -27.07
C ARG C 45 -4.42 -5.13 -27.00
N GLU C 46 -3.66 -5.33 -28.07
CA GLU C 46 -2.60 -6.32 -28.10
C GLU C 46 -1.26 -5.63 -28.36
N TRP C 47 -0.18 -6.28 -27.93
CA TRP C 47 1.15 -5.74 -28.12
C TRP C 47 1.75 -6.19 -29.45
N VAL C 48 2.70 -5.41 -29.96
CA VAL C 48 3.30 -5.68 -31.25
C VAL C 48 4.78 -6.01 -31.09
N ALA C 49 5.56 -5.04 -30.61
CA ALA C 49 7.00 -5.22 -30.49
C ALA C 49 7.56 -4.22 -29.50
N CYS C 50 8.57 -4.64 -28.75
CA CYS C 50 9.29 -3.77 -27.83
C CYS C 50 10.78 -3.91 -28.08
N ILE C 51 11.54 -2.95 -27.57
CA ILE C 51 13.00 -2.92 -27.75
C ILE C 51 13.64 -2.47 -26.44
N SER C 52 14.74 -3.13 -26.08
CA SER C 52 15.45 -2.79 -24.86
C SER C 52 15.98 -1.36 -24.93
N ALA C 53 16.30 -0.81 -23.75
CA ALA C 53 16.80 0.56 -23.68
C ALA C 53 18.06 0.74 -24.51
N GLY C 54 18.90 -0.28 -24.59
CA GLY C 54 20.13 -0.23 -25.37
C GLY C 54 20.02 -0.85 -26.74
N GLY C 55 18.82 -1.20 -27.19
CA GLY C 55 18.63 -1.76 -28.52
C GLY C 55 19.20 -3.14 -28.73
N GLY C 56 19.66 -3.81 -27.68
CA GLY C 56 20.22 -5.13 -27.82
C GLY C 56 19.20 -6.24 -27.92
N VAL C 57 18.08 -6.09 -27.20
CA VAL C 57 17.06 -7.13 -27.11
C VAL C 57 15.78 -6.59 -27.71
N THR C 58 15.14 -7.39 -28.55
CA THR C 58 13.85 -7.05 -29.15
C THR C 58 12.93 -8.26 -29.08
N TYR C 59 11.64 -7.99 -28.86
CA TYR C 59 10.61 -9.03 -28.86
C TYR C 59 9.53 -8.67 -29.87
N TYR C 60 9.01 -9.68 -30.56
CA TYR C 60 7.93 -9.50 -31.52
C TYR C 60 6.87 -10.57 -31.29
N THR C 61 5.62 -10.23 -31.59
CA THR C 61 4.55 -11.20 -31.51
C THR C 61 4.60 -12.13 -32.74
N GLY C 62 3.66 -13.07 -32.79
CA GLY C 62 3.65 -14.03 -33.89
C GLY C 62 3.23 -13.41 -35.21
N SER C 63 2.19 -12.59 -35.20
CA SER C 63 1.62 -12.04 -36.43
C SER C 63 2.59 -11.14 -37.18
N VAL C 64 3.68 -10.70 -36.55
CA VAL C 64 4.60 -9.75 -37.16
C VAL C 64 6.03 -10.27 -37.22
N GLN C 65 6.29 -11.48 -36.72
CA GLN C 65 7.66 -11.98 -36.61
C GLN C 65 8.26 -12.19 -38.00
N GLY C 66 9.35 -11.48 -38.28
CA GLY C 66 10.02 -11.56 -39.57
C GLY C 66 9.62 -10.48 -40.55
N ARG C 67 8.50 -9.78 -40.30
CA ARG C 67 8.00 -8.76 -41.21
C ARG C 67 8.10 -7.35 -40.66
N PHE C 68 8.09 -7.19 -39.33
CA PHE C 68 8.21 -5.88 -38.71
C PHE C 68 9.60 -5.72 -38.11
N THR C 69 10.08 -4.48 -38.09
CA THR C 69 11.40 -4.16 -37.55
C THR C 69 11.27 -2.93 -36.66
N ILE C 70 11.44 -3.13 -35.36
CA ILE C 70 11.47 -2.02 -34.42
C ILE C 70 12.92 -1.57 -34.25
N SER C 71 13.10 -0.27 -34.07
CA SER C 71 14.43 0.31 -33.92
C SER C 71 14.32 1.59 -33.10
N ARG C 72 15.47 2.14 -32.73
CA ARG C 72 15.48 3.34 -31.90
C ARG C 72 16.74 4.14 -32.18
N ASP C 73 16.65 5.43 -31.88
CA ASP C 73 17.79 6.35 -31.97
C ASP C 73 17.83 7.11 -30.64
N ASN C 74 18.67 6.65 -29.73
CA ASN C 74 18.78 7.31 -28.43
C ASN C 74 19.52 8.63 -28.51
N ALA C 75 20.28 8.87 -29.57
CA ALA C 75 20.87 10.19 -29.77
C ALA C 75 19.82 11.22 -30.11
N LYS C 76 18.75 10.81 -30.79
CA LYS C 76 17.64 11.70 -31.14
C LYS C 76 16.41 11.46 -30.27
N ARG C 77 16.47 10.51 -29.35
CA ARG C 77 15.34 10.17 -28.47
C ARG C 77 14.09 9.85 -29.29
N THR C 78 14.23 8.88 -30.19
CA THR C 78 13.16 8.47 -31.09
C THR C 78 13.03 6.95 -31.09
N VAL C 79 11.87 6.47 -31.52
CA VAL C 79 11.58 5.05 -31.65
C VAL C 79 10.79 4.85 -32.93
N TYR C 80 11.17 3.83 -33.71
CA TYR C 80 10.57 3.59 -35.02
C TYR C 80 9.98 2.19 -35.08
N LEU C 81 9.03 2.03 -36.02
CA LEU C 81 8.47 0.72 -36.33
C LEU C 81 8.39 0.62 -37.85
N GLN C 82 9.19 -0.28 -38.43
CA GLN C 82 9.19 -0.53 -39.85
C GLN C 82 8.28 -1.71 -40.15
N MET C 83 7.20 -1.48 -40.87
CA MET C 83 6.16 -2.48 -41.13
C MET C 83 6.26 -2.94 -42.58
N ASP C 84 7.19 -3.84 -42.85
CA ASP C 84 7.35 -4.40 -44.19
C ASP C 84 6.36 -5.53 -44.40
N SER C 85 6.09 -5.81 -45.68
CA SER C 85 5.27 -6.94 -46.10
C SER C 85 3.95 -6.99 -45.33
N LEU C 86 3.23 -5.88 -45.37
CA LEU C 86 2.05 -5.71 -44.53
C LEU C 86 0.91 -6.65 -44.94
N LYS C 87 0.18 -7.15 -43.95
CA LYS C 87 -0.98 -8.01 -44.10
C LYS C 87 -2.25 -7.27 -43.68
N PRO C 88 -3.40 -7.65 -44.24
CA PRO C 88 -4.67 -7.04 -43.81
C PRO C 88 -4.99 -7.25 -42.34
N GLU C 89 -4.31 -8.18 -41.66
CA GLU C 89 -4.56 -8.35 -40.22
C GLU C 89 -3.92 -7.24 -39.41
N ASP C 90 -3.01 -6.47 -40.00
CA ASP C 90 -2.33 -5.39 -39.30
C ASP C 90 -3.17 -4.13 -39.20
N THR C 91 -4.38 -4.11 -39.77
CA THR C 91 -5.25 -2.94 -39.71
C THR C 91 -5.68 -2.66 -38.27
N ALA C 92 -5.10 -1.64 -37.66
CA ALA C 92 -5.40 -1.29 -36.28
C ALA C 92 -5.00 0.16 -36.03
N VAL C 93 -5.02 0.56 -34.76
CA VAL C 93 -4.59 1.88 -34.33
C VAL C 93 -3.30 1.71 -33.55
N TYR C 94 -2.18 2.11 -34.14
CA TYR C 94 -0.85 1.84 -33.60
C TYR C 94 -0.41 2.99 -32.71
N SER C 95 0.11 2.65 -31.52
CA SER C 95 0.57 3.64 -30.57
C SER C 95 1.89 3.21 -29.96
N CYS C 96 2.84 4.14 -29.88
CA CYS C 96 4.12 3.89 -29.23
C CYS C 96 4.01 4.14 -27.74
N ALA C 97 4.69 3.31 -26.96
CA ALA C 97 4.66 3.43 -25.50
C ALA C 97 6.05 3.23 -24.94
N ALA C 98 6.21 3.59 -23.66
CA ALA C 98 7.47 3.45 -22.95
C ALA C 98 7.18 2.95 -21.55
N ASP C 99 7.72 1.80 -21.20
CA ASP C 99 7.46 1.19 -19.91
C ASP C 99 8.38 1.78 -18.85
N LEU C 100 7.78 2.29 -17.78
CA LEU C 100 8.52 2.73 -16.60
C LEU C 100 8.33 1.79 -15.42
N GLU C 101 7.81 0.59 -15.64
CA GLU C 101 7.57 -0.37 -14.57
C GLU C 101 8.78 -1.24 -14.29
N TYR C 102 9.49 -1.67 -15.33
CA TYR C 102 10.58 -2.63 -15.21
C TYR C 102 11.90 -1.99 -15.62
N SER C 103 12.97 -2.36 -14.92
CA SER C 103 14.29 -1.85 -15.27
C SER C 103 14.80 -2.46 -16.57
N GLN C 104 14.34 -3.65 -16.91
CA GLN C 104 14.76 -4.37 -18.11
C GLN C 104 13.56 -4.62 -19.00
N ILE C 105 13.81 -5.21 -20.17
CA ILE C 105 12.77 -5.57 -21.11
C ILE C 105 12.31 -6.99 -20.82
N MET C 106 10.99 -7.18 -20.74
CA MET C 106 10.47 -8.50 -20.41
C MET C 106 9.94 -9.21 -21.65
N PRO C 107 10.01 -10.53 -21.68
CA PRO C 107 9.39 -11.28 -22.78
C PRO C 107 7.88 -11.03 -22.81
N SER C 108 7.33 -11.09 -24.02
CA SER C 108 5.95 -10.68 -24.30
C SER C 108 5.72 -9.21 -23.97
N CYS C 109 6.80 -8.44 -23.83
CA CYS C 109 6.74 -7.01 -23.53
C CYS C 109 5.90 -6.74 -22.28
N ARG C 110 6.09 -7.57 -21.26
CA ARG C 110 5.38 -7.38 -20.01
C ARG C 110 5.81 -6.08 -19.34
N GLY C 111 4.84 -5.34 -18.83
CA GLY C 111 5.11 -4.07 -18.19
C GLY C 111 3.86 -3.23 -18.12
N SER C 112 4.05 -2.00 -17.64
CA SER C 112 2.95 -1.05 -17.50
C SER C 112 2.79 -0.16 -18.73
N TYR C 113 3.89 0.40 -19.24
CA TYR C 113 3.89 1.29 -20.40
C TYR C 113 2.93 2.46 -20.18
N GLY C 114 3.30 3.29 -19.20
CA GLY C 114 2.49 4.43 -18.81
C GLY C 114 2.65 5.65 -19.69
N VAL C 115 3.78 5.80 -20.35
CA VAL C 115 4.02 6.89 -21.28
C VAL C 115 3.75 6.37 -22.69
N ARG C 116 2.70 6.88 -23.32
CA ARG C 116 2.27 6.41 -24.63
C ARG C 116 2.18 7.58 -25.59
N GLY C 117 1.85 7.27 -26.85
CA GLY C 117 1.71 8.26 -27.89
C GLY C 117 0.26 8.45 -28.33
N GLN C 118 0.09 9.38 -29.27
CA GLN C 118 -1.26 9.75 -29.71
C GLN C 118 -1.92 8.62 -30.50
N GLY C 119 -1.17 7.94 -31.35
CA GLY C 119 -1.70 6.81 -32.08
C GLY C 119 -2.27 7.17 -33.45
N THR C 120 -1.93 6.38 -34.47
CA THR C 120 -2.37 6.64 -35.82
C THR C 120 -3.02 5.38 -36.40
N GLN C 121 -3.92 5.59 -37.36
CA GLN C 121 -4.58 4.49 -38.04
C GLN C 121 -3.68 3.91 -39.12
N VAL C 122 -3.55 2.58 -39.13
CA VAL C 122 -2.90 1.84 -40.20
C VAL C 122 -3.96 1.01 -40.90
N THR C 123 -3.99 1.09 -42.22
CA THR C 123 -5.02 0.41 -43.02
C THR C 123 -4.35 -0.32 -44.18
N VAL C 124 -4.43 -1.64 -44.17
CA VAL C 124 -3.88 -2.49 -45.22
C VAL C 124 -5.06 -3.03 -46.02
N SER C 125 -5.37 -2.38 -47.15
CA SER C 125 -6.48 -2.76 -47.99
C SER C 125 -6.04 -2.80 -49.44
N SER C 126 -6.77 -3.58 -50.24
CA SER C 126 -6.47 -3.73 -51.66
C SER C 126 -7.30 -2.78 -52.51
C1 NAG D . 25.45 2.84 -3.07
C2 NAG D . 25.64 1.40 -2.50
C3 NAG D . 26.91 1.32 -1.65
C4 NAG D . 28.09 1.76 -2.50
C5 NAG D . 27.84 3.22 -2.92
C6 NAG D . 28.95 3.81 -3.79
C7 NAG D . 23.68 -0.07 -2.16
C8 NAG D . 22.58 -0.45 -1.18
N2 NAG D . 24.52 0.90 -1.71
O3 NAG D . 27.07 -0.01 -1.17
O4 NAG D . 29.27 1.58 -1.73
O5 NAG D . 26.65 3.29 -3.71
O6 NAG D . 28.72 3.59 -5.18
O7 NAG D . 23.79 -0.61 -3.26
C1 NAG D . 30.14 0.67 -2.43
C2 NAG D . 31.56 0.86 -1.91
C3 NAG D . 32.51 -0.14 -2.57
C4 NAG D . 31.98 -1.56 -2.42
C5 NAG D . 30.56 -1.64 -2.95
C6 NAG D . 29.92 -3.00 -2.77
C7 NAG D . 32.06 3.16 -1.17
C8 NAG D . 31.61 2.73 0.20
N2 NAG D . 32.01 2.23 -2.13
O3 NAG D . 33.80 -0.03 -1.97
O4 NAG D . 32.81 -2.45 -3.17
O5 NAG D . 29.73 -0.70 -2.24
O6 NAG D . 29.13 -3.35 -3.89
O7 NAG D . 32.45 4.29 -1.39
C1 NAG E . -3.43 -15.44 14.12
C2 NAG E . -2.55 -16.54 13.49
C3 NAG E . -2.08 -17.44 14.63
C4 NAG E . -1.26 -16.66 15.65
C5 NAG E . -1.93 -15.32 16.06
C6 NAG E . -0.92 -14.28 16.53
C7 NAG E . -2.82 -17.29 11.16
C8 NAG E . -3.62 -18.19 10.23
N2 NAG E . -3.21 -17.33 12.47
O3 NAG E . -1.32 -18.51 14.07
O4 NAG E . -1.13 -17.55 16.75
O5 NAG E . -2.59 -14.66 14.98
O6 NAG E . -0.26 -14.62 17.76
O7 NAG E . -1.90 -16.58 10.78
C1 NAG E . 0.24 -17.67 17.19
C2 NAG E . 0.41 -19.06 17.81
C3 NAG E . 1.86 -19.25 18.29
C4 NAG E . 2.83 -18.96 17.14
C5 NAG E . 2.55 -17.59 16.55
C6 NAG E . 3.42 -17.26 15.36
C7 NAG E . -0.58 -18.51 20.02
C8 NAG E . -1.62 -18.89 21.03
N2 NAG E . -0.52 -19.26 18.91
O3 NAG E . 2.04 -20.59 18.74
O4 NAG E . 4.17 -19.01 17.63
O5 NAG E . 1.19 -17.51 16.11
O6 NAG E . 3.59 -15.86 15.20
O7 NAG E . 0.18 -17.55 20.20
C1 NAG F . -17.13 4.18 21.16
C2 NAG F . -15.99 4.75 22.04
C3 NAG F . -16.39 4.72 23.52
C4 NAG F . -17.75 5.35 23.77
C5 NAG F . -18.79 4.73 22.81
C6 NAG F . -20.14 5.46 22.89
C7 NAG F . -13.59 4.59 21.42
C8 NAG F . -12.39 3.66 21.36
N2 NAG F . -14.73 4.03 21.90
O3 NAG F . -15.36 5.37 24.26
O4 NAG F . -18.07 5.12 25.13
O5 NAG F . -18.35 4.86 21.45
O6 NAG F . -20.40 6.23 21.70
O7 NAG F . -13.54 5.76 21.05
C1 NAG F . -17.91 6.36 25.84
C2 NAG F . -18.65 6.27 27.17
C3 NAG F . -18.48 7.58 27.95
C4 NAG F . -17.01 7.97 28.07
C5 NAG F . -16.27 7.85 26.73
C6 NAG F . -14.77 7.93 26.87
C7 NAG F . -20.66 4.86 27.37
C8 NAG F . -19.79 3.89 28.12
N2 NAG F . -20.06 5.98 26.95
O3 NAG F . -19.04 7.41 29.24
O4 NAG F . -16.99 9.34 28.48
O5 NAG F . -16.54 6.59 26.10
O6 NAG F . -14.24 6.75 27.47
O7 NAG F . -21.84 4.64 27.17
C1 BMA F . -15.99 9.65 29.47
C2 BMA F . -15.84 11.19 29.50
C3 BMA F . -14.85 11.61 30.58
C4 BMA F . -15.10 10.89 31.93
C5 BMA F . -15.26 9.37 31.71
C6 BMA F . -15.61 8.63 32.98
O2 BMA F . -17.08 11.81 29.80
O3 BMA F . -14.88 13.02 30.78
O4 BMA F . -14.00 11.13 32.80
O5 BMA F . -16.33 9.17 30.77
O6 BMA F . -14.40 8.33 33.67
CL CL G . -12.78 -12.60 36.30
CL CL H . -19.77 -1.08 28.39
CL CL I . -31.63 -7.04 21.25
CL CL J . 7.24 0.48 32.50
#